data_1EI4
# 
_entry.id   1EI4 
# 
_audit_conform.dict_name       mmcif_pdbx.dic 
_audit_conform.dict_version    5.385 
_audit_conform.dict_location   http://mmcif.pdb.org/dictionaries/ascii/mmcif_pdbx.dic 
# 
loop_
_database_2.database_id 
_database_2.database_code 
_database_2.pdbx_database_accession 
_database_2.pdbx_DOI 
PDB   1EI4         pdb_00001ei4 10.2210/pdb1ei4/pdb 
NDB   BD0038       ?            ?                   
RCSB  RCSB010596   ?            ?                   
WWPDB D_1000010596 ?            ?                   
# 
loop_
_pdbx_audit_revision_history.ordinal 
_pdbx_audit_revision_history.data_content_type 
_pdbx_audit_revision_history.major_revision 
_pdbx_audit_revision_history.minor_revision 
_pdbx_audit_revision_history.revision_date 
1 'Structure model' 1 0 2000-03-27 
2 'Structure model' 1 1 2008-04-27 
3 'Structure model' 1 2 2011-07-13 
4 'Structure model' 1 3 2024-02-07 
# 
_pdbx_audit_revision_details.ordinal             1 
_pdbx_audit_revision_details.revision_ordinal    1 
_pdbx_audit_revision_details.data_content_type   'Structure model' 
_pdbx_audit_revision_details.provider            repository 
_pdbx_audit_revision_details.type                'Initial release' 
_pdbx_audit_revision_details.description         ? 
_pdbx_audit_revision_details.details             ? 
# 
loop_
_pdbx_audit_revision_group.ordinal 
_pdbx_audit_revision_group.revision_ordinal 
_pdbx_audit_revision_group.data_content_type 
_pdbx_audit_revision_group.group 
1 2 'Structure model' 'Version format compliance' 
2 3 'Structure model' 'Version format compliance' 
3 4 'Structure model' 'Data collection'           
4 4 'Structure model' 'Database references'       
5 4 'Structure model' 'Derived calculations'      
# 
loop_
_pdbx_audit_revision_category.ordinal 
_pdbx_audit_revision_category.revision_ordinal 
_pdbx_audit_revision_category.data_content_type 
_pdbx_audit_revision_category.category 
1 4 'Structure model' chem_comp_atom         
2 4 'Structure model' chem_comp_bond         
3 4 'Structure model' database_2             
4 4 'Structure model' pdbx_struct_conn_angle 
5 4 'Structure model' struct_conn            
6 4 'Structure model' struct_site            
# 
loop_
_pdbx_audit_revision_item.ordinal 
_pdbx_audit_revision_item.revision_ordinal 
_pdbx_audit_revision_item.data_content_type 
_pdbx_audit_revision_item.item 
1  4 'Structure model' '_database_2.pdbx_DOI'                        
2  4 'Structure model' '_database_2.pdbx_database_accession'         
3  4 'Structure model' '_pdbx_struct_conn_angle.ptnr1_auth_asym_id'  
4  4 'Structure model' '_pdbx_struct_conn_angle.ptnr1_auth_seq_id'   
5  4 'Structure model' '_pdbx_struct_conn_angle.ptnr1_label_asym_id' 
6  4 'Structure model' '_pdbx_struct_conn_angle.ptnr3_auth_asym_id'  
7  4 'Structure model' '_pdbx_struct_conn_angle.ptnr3_auth_seq_id'   
8  4 'Structure model' '_pdbx_struct_conn_angle.ptnr3_label_asym_id' 
9  4 'Structure model' '_pdbx_struct_conn_angle.value'               
10 4 'Structure model' '_struct_conn.conn_type_id'                   
11 4 'Structure model' '_struct_conn.id'                             
12 4 'Structure model' '_struct_conn.pdbx_dist_value'                
13 4 'Structure model' '_struct_conn.pdbx_leaving_atom_flag'         
14 4 'Structure model' '_struct_conn.ptnr1_auth_asym_id'             
15 4 'Structure model' '_struct_conn.ptnr1_auth_comp_id'             
16 4 'Structure model' '_struct_conn.ptnr1_auth_seq_id'              
17 4 'Structure model' '_struct_conn.ptnr1_label_asym_id'            
18 4 'Structure model' '_struct_conn.ptnr1_label_atom_id'            
19 4 'Structure model' '_struct_conn.ptnr1_label_comp_id'            
20 4 'Structure model' '_struct_conn.ptnr1_label_seq_id'             
21 4 'Structure model' '_struct_conn.ptnr2_auth_asym_id'             
22 4 'Structure model' '_struct_conn.ptnr2_auth_comp_id'             
23 4 'Structure model' '_struct_conn.ptnr2_auth_seq_id'              
24 4 'Structure model' '_struct_conn.ptnr2_label_asym_id'            
25 4 'Structure model' '_struct_conn.ptnr2_label_atom_id'            
26 4 'Structure model' '_struct_conn.ptnr2_label_comp_id'            
27 4 'Structure model' '_struct_conn.ptnr2_label_seq_id'             
28 4 'Structure model' '_struct_site.pdbx_auth_asym_id'              
29 4 'Structure model' '_struct_site.pdbx_auth_comp_id'              
30 4 'Structure model' '_struct_site.pdbx_auth_seq_id'               
# 
_pdbx_database_status.status_code                     REL 
_pdbx_database_status.entry_id                        1EI4 
_pdbx_database_status.recvd_initial_deposition_date   2000-02-24 
_pdbx_database_status.deposit_site                    RCSB 
_pdbx_database_status.process_site                    RCSB 
_pdbx_database_status.status_code_sf                  REL 
_pdbx_database_status.SG_entry                        . 
_pdbx_database_status.pdb_format_compatible           Y 
_pdbx_database_status.status_code_mr                  ? 
_pdbx_database_status.status_code_cs                  ? 
_pdbx_database_status.status_code_nmr_data            ? 
_pdbx_database_status.methods_development_category    ? 
# 
loop_
_audit_author.name 
_audit_author.pdbx_ordinal 
'Minasov, G.' 1 
'Teplova, M.' 2 
'Nielsen, P.' 3 
'Wengel, J.'  4 
'Egli, M.'    5 
# 
_citation.id                        primary 
_citation.title                     'Structural basis of cleavage by RNase H of hybrids of arabinonucleic acids and RNA.' 
_citation.journal_abbrev            Biochemistry 
_citation.journal_volume            39 
_citation.page_first                3525 
_citation.page_last                 3532 
_citation.year                      2000 
_citation.journal_id_ASTM           BICHAW 
_citation.country                   US 
_citation.journal_id_ISSN           0006-2960 
_citation.journal_id_CSD            0033 
_citation.book_publisher            ? 
_citation.pdbx_database_id_PubMed   10736151 
_citation.pdbx_database_id_DOI      10.1021/bi992792j 
# 
loop_
_citation_author.citation_id 
_citation_author.name 
_citation_author.ordinal 
_citation_author.identifier_ORCID 
primary 'Minasov, G.' 1 ? 
primary 'Teplova, M.' 2 ? 
primary 'Nielsen, P.' 3 ? 
primary 'Wengel, J.'  4 ? 
primary 'Egli, M.'    5 ? 
# 
loop_
_entity.id 
_entity.type 
_entity.src_method 
_entity.pdbx_description 
_entity.formula_weight 
_entity.pdbx_number_of_molecules 
_entity.pdbx_ec 
_entity.pdbx_mutation 
_entity.pdbx_fragment 
_entity.details 
1 polymer     syn 
;DNA (5'-D(*CP*GP*CP*GP*AP*AP*(TLC)P*(TLC)P*CP*GP*CP*G)-3')
;
3747.466 2   ? ? ? ? 
2 non-polymer syn 'MAGNESIUM ION'                                              24.305   1   ? ? ? ? 
3 non-polymer syn SPERMINE                                                     202.340  1   ? ? ? ? 
4 water       nat water                                                        18.015   154 ? ? ? ? 
# 
_entity_poly.entity_id                      1 
_entity_poly.type                           polydeoxyribonucleotide 
_entity_poly.nstd_linkage                   no 
_entity_poly.nstd_monomer                   yes 
_entity_poly.pdbx_seq_one_letter_code       '(DC)(DG)(DC)(DG)(DA)(DA)(TLC)(TLC)(DC)(DG)(DC)(DG)' 
_entity_poly.pdbx_seq_one_letter_code_can   CGCGAATTCGCG 
_entity_poly.pdbx_strand_id                 A,B 
_entity_poly.pdbx_target_identifier         ? 
# 
loop_
_pdbx_entity_nonpoly.entity_id 
_pdbx_entity_nonpoly.name 
_pdbx_entity_nonpoly.comp_id 
2 'MAGNESIUM ION' MG  
3 SPERMINE        SPM 
4 water           HOH 
# 
loop_
_entity_poly_seq.entity_id 
_entity_poly_seq.num 
_entity_poly_seq.mon_id 
_entity_poly_seq.hetero 
1 1  DC  n 
1 2  DG  n 
1 3  DC  n 
1 4  DG  n 
1 5  DA  n 
1 6  DA  n 
1 7  TLC n 
1 8  TLC n 
1 9  DC  n 
1 10 DG  n 
1 11 DC  n 
1 12 DG  n 
# 
loop_
_chem_comp.id 
_chem_comp.type 
_chem_comp.mon_nstd_flag 
_chem_comp.name 
_chem_comp.pdbx_synonyms 
_chem_comp.formula 
_chem_comp.formula_weight 
DA  'DNA linking' y "2'-DEOXYADENOSINE-5'-MONOPHOSPHATE"                      ?                                             
'C10 H14 N5 O6 P' 331.222 
DC  'DNA linking' y "2'-DEOXYCYTIDINE-5'-MONOPHOSPHATE"                       ?                                             
'C9 H14 N3 O7 P'  307.197 
DG  'DNA linking' y "2'-DEOXYGUANOSINE-5'-MONOPHOSPHATE"                      ?                                             
'C10 H14 N5 O7 P' 347.221 
HOH non-polymer   . WATER                                                     ?                                             'H2 O' 
18.015  
MG  non-polymer   . 'MAGNESIUM ION'                                           ?                                             'Mg 2' 
24.305  
SPM non-polymer   . SPERMINE                                                  ?                                             
'C10 H26 N4'      202.340 
TLC 'DNA linking' n "2-O,3-ETHDIYL-ARABINOFURANOSYL-THYMINE-5'-MONOPHOSPHATE" "[3.3.0]BICYCLO-ARABINO-THYMINE-5'-PHOSPHATE" 
'C12 H17 N2 O9 P' 364.245 
# 
loop_
_pdbx_poly_seq_scheme.asym_id 
_pdbx_poly_seq_scheme.entity_id 
_pdbx_poly_seq_scheme.seq_id 
_pdbx_poly_seq_scheme.mon_id 
_pdbx_poly_seq_scheme.ndb_seq_num 
_pdbx_poly_seq_scheme.pdb_seq_num 
_pdbx_poly_seq_scheme.auth_seq_num 
_pdbx_poly_seq_scheme.pdb_mon_id 
_pdbx_poly_seq_scheme.auth_mon_id 
_pdbx_poly_seq_scheme.pdb_strand_id 
_pdbx_poly_seq_scheme.pdb_ins_code 
_pdbx_poly_seq_scheme.hetero 
A 1 1  DC  1  1  1  DC  C   A . n 
A 1 2  DG  2  2  2  DG  G   A . n 
A 1 3  DC  3  3  3  DC  C   A . n 
A 1 4  DG  4  4  4  DG  G   A . n 
A 1 5  DA  5  5  5  DA  A   A . n 
A 1 6  DA  6  6  6  DA  A   A . n 
A 1 7  TLC 7  7  7  TLC TLC A . n 
A 1 8  TLC 8  8  8  TLC TLC A . n 
A 1 9  DC  9  9  9  DC  C   A . n 
A 1 10 DG  10 10 10 DG  G   A . n 
A 1 11 DC  11 11 11 DC  C   A . n 
A 1 12 DG  12 12 12 DG  G   A . n 
B 1 1  DC  1  13 13 DC  C   B . n 
B 1 2  DG  2  14 14 DG  G   B . n 
B 1 3  DC  3  15 15 DC  C   B . n 
B 1 4  DG  4  16 16 DG  G   B . n 
B 1 5  DA  5  17 17 DA  A   B . n 
B 1 6  DA  6  18 18 DA  A   B . n 
B 1 7  TLC 7  19 19 TLC TLC B . n 
B 1 8  TLC 8  20 20 TLC TLC B . n 
B 1 9  DC  9  21 21 DC  C   B . n 
B 1 10 DG  10 22 22 DG  G   B . n 
B 1 11 DC  11 23 23 DC  C   B . n 
B 1 12 DG  12 24 24 DG  G   B . n 
# 
loop_
_pdbx_nonpoly_scheme.asym_id 
_pdbx_nonpoly_scheme.entity_id 
_pdbx_nonpoly_scheme.mon_id 
_pdbx_nonpoly_scheme.ndb_seq_num 
_pdbx_nonpoly_scheme.pdb_seq_num 
_pdbx_nonpoly_scheme.auth_seq_num 
_pdbx_nonpoly_scheme.pdb_mon_id 
_pdbx_nonpoly_scheme.auth_mon_id 
_pdbx_nonpoly_scheme.pdb_strand_id 
_pdbx_nonpoly_scheme.pdb_ins_code 
C 2 MG  1  25  25  MG  MG  A . 
D 3 SPM 1  521 521 SPM SPM B . 
E 4 HOH 1  26  26  HOH HOH A . 
E 4 HOH 2  27  27  HOH HOH A . 
E 4 HOH 3  28  28  HOH HOH A . 
E 4 HOH 4  29  29  HOH HOH A . 
E 4 HOH 5  31  31  HOH HOH A . 
E 4 HOH 6  57  57  HOH HOH A . 
E 4 HOH 7  59  59  HOH HOH A . 
E 4 HOH 8  61  61  HOH HOH A . 
E 4 HOH 9  65  65  HOH HOH A . 
E 4 HOH 10 78  78  HOH HOH A . 
E 4 HOH 11 101 101 HOH HOH A . 
E 4 HOH 12 102 102 HOH HOH A . 
E 4 HOH 13 106 106 HOH HOH A . 
E 4 HOH 14 107 107 HOH HOH A . 
E 4 HOH 15 108 108 HOH HOH A . 
E 4 HOH 16 112 112 HOH HOH A . 
E 4 HOH 17 113 113 HOH HOH A . 
E 4 HOH 18 114 114 HOH HOH A . 
E 4 HOH 19 116 116 HOH HOH A . 
E 4 HOH 20 117 117 HOH HOH A . 
E 4 HOH 21 118 118 HOH HOH A . 
E 4 HOH 22 119 119 HOH HOH A . 
E 4 HOH 23 122 122 HOH HOH A . 
E 4 HOH 24 123 123 HOH HOH A . 
E 4 HOH 25 125 125 HOH HOH A . 
E 4 HOH 26 126 126 HOH HOH A . 
E 4 HOH 27 128 128 HOH HOH A . 
E 4 HOH 28 133 133 HOH HOH A . 
E 4 HOH 29 134 134 HOH HOH A . 
E 4 HOH 30 141 141 HOH HOH A . 
E 4 HOH 31 146 146 HOH HOH A . 
E 4 HOH 32 147 147 HOH HOH A . 
E 4 HOH 33 149 149 HOH HOH A . 
E 4 HOH 34 152 152 HOH HOH A . 
E 4 HOH 35 153 153 HOH HOH A . 
E 4 HOH 36 155 155 HOH HOH A . 
E 4 HOH 37 158 158 HOH HOH A . 
E 4 HOH 38 159 159 HOH HOH A . 
E 4 HOH 39 160 160 HOH HOH A . 
E 4 HOH 40 162 162 HOH HOH A . 
E 4 HOH 41 165 165 HOH HOH A . 
E 4 HOH 42 174 174 HOH HOH A . 
E 4 HOH 43 179 179 HOH HOH A . 
E 4 HOH 44 182 182 HOH HOH A . 
E 4 HOH 45 183 183 HOH HOH A . 
E 4 HOH 46 190 190 HOH HOH A . 
E 4 HOH 47 196 196 HOH HOH A . 
E 4 HOH 48 197 197 HOH HOH A . 
E 4 HOH 49 201 201 HOH HOH A . 
E 4 HOH 50 208 208 HOH HOH A . 
E 4 HOH 51 226 226 HOH HOH A . 
E 4 HOH 52 227 227 HOH HOH A . 
E 4 HOH 53 239 239 HOH HOH A . 
E 4 HOH 54 249 249 HOH HOH A . 
E 4 HOH 55 252 252 HOH HOH A . 
E 4 HOH 56 266 266 HOH HOH A . 
E 4 HOH 57 269 269 HOH HOH A . 
E 4 HOH 58 270 270 HOH HOH A . 
E 4 HOH 59 271 271 HOH HOH A . 
E 4 HOH 60 273 273 HOH HOH A . 
E 4 HOH 61 277 277 HOH HOH A . 
E 4 HOH 62 303 303 HOH HOH A . 
E 4 HOH 63 309 309 HOH HOH A . 
E 4 HOH 64 311 311 HOH HOH A . 
E 4 HOH 65 314 314 HOH HOH A . 
E 4 HOH 66 316 316 HOH HOH A . 
E 4 HOH 67 318 318 HOH HOH A . 
E 4 HOH 68 319 319 HOH HOH A . 
E 4 HOH 69 322 322 HOH HOH A . 
E 4 HOH 70 323 323 HOH HOH A . 
E 4 HOH 71 324 324 HOH HOH A . 
E 4 HOH 72 326 326 HOH HOH A . 
E 4 HOH 73 327 327 HOH HOH A . 
E 4 HOH 74 330 330 HOH HOH A . 
F 4 HOH 1  30  30  HOH HOH B . 
F 4 HOH 2  48  48  HOH HOH B . 
F 4 HOH 3  49  49  HOH HOH B . 
F 4 HOH 4  66  66  HOH HOH B . 
F 4 HOH 5  69  69  HOH HOH B . 
F 4 HOH 6  70  70  HOH HOH B . 
F 4 HOH 7  72  72  HOH HOH B . 
F 4 HOH 8  74  74  HOH HOH B . 
F 4 HOH 9  75  75  HOH HOH B . 
F 4 HOH 10 79  79  HOH HOH B . 
F 4 HOH 11 103 103 HOH HOH B . 
F 4 HOH 12 104 104 HOH HOH B . 
F 4 HOH 13 105 105 HOH HOH B . 
F 4 HOH 14 109 109 HOH HOH B . 
F 4 HOH 15 110 110 HOH HOH B . 
F 4 HOH 16 111 111 HOH HOH B . 
F 4 HOH 17 115 115 HOH HOH B . 
F 4 HOH 18 127 127 HOH HOH B . 
F 4 HOH 19 129 129 HOH HOH B . 
F 4 HOH 20 130 130 HOH HOH B . 
F 4 HOH 21 131 131 HOH HOH B . 
F 4 HOH 22 136 136 HOH HOH B . 
F 4 HOH 23 137 137 HOH HOH B . 
F 4 HOH 24 139 139 HOH HOH B . 
F 4 HOH 25 143 143 HOH HOH B . 
F 4 HOH 26 144 144 HOH HOH B . 
F 4 HOH 27 145 145 HOH HOH B . 
F 4 HOH 28 148 148 HOH HOH B . 
F 4 HOH 29 151 151 HOH HOH B . 
F 4 HOH 30 154 154 HOH HOH B . 
F 4 HOH 31 161 161 HOH HOH B . 
F 4 HOH 32 163 163 HOH HOH B . 
F 4 HOH 33 164 164 HOH HOH B . 
F 4 HOH 34 168 168 HOH HOH B . 
F 4 HOH 35 169 169 HOH HOH B . 
F 4 HOH 36 170 170 HOH HOH B . 
F 4 HOH 37 172 172 HOH HOH B . 
F 4 HOH 38 175 175 HOH HOH B . 
F 4 HOH 39 178 178 HOH HOH B . 
F 4 HOH 40 181 181 HOH HOH B . 
F 4 HOH 41 184 184 HOH HOH B . 
F 4 HOH 42 188 188 HOH HOH B . 
F 4 HOH 43 191 191 HOH HOH B . 
F 4 HOH 44 192 192 HOH HOH B . 
F 4 HOH 45 195 195 HOH HOH B . 
F 4 HOH 46 199 199 HOH HOH B . 
F 4 HOH 47 204 204 HOH HOH B . 
F 4 HOH 48 210 210 HOH HOH B . 
F 4 HOH 49 211 211 HOH HOH B . 
F 4 HOH 50 213 213 HOH HOH B . 
F 4 HOH 51 228 228 HOH HOH B . 
F 4 HOH 52 237 237 HOH HOH B . 
F 4 HOH 53 241 241 HOH HOH B . 
F 4 HOH 54 242 242 HOH HOH B . 
F 4 HOH 55 244 244 HOH HOH B . 
F 4 HOH 56 245 245 HOH HOH B . 
F 4 HOH 57 251 251 HOH HOH B . 
F 4 HOH 58 253 253 HOH HOH B . 
F 4 HOH 59 254 254 HOH HOH B . 
F 4 HOH 60 278 278 HOH HOH B . 
F 4 HOH 61 281 281 HOH HOH B . 
F 4 HOH 62 283 283 HOH HOH B . 
F 4 HOH 63 285 285 HOH HOH B . 
F 4 HOH 64 301 301 HOH HOH B . 
F 4 HOH 65 302 302 HOH HOH B . 
F 4 HOH 66 304 304 HOH HOH B . 
F 4 HOH 67 305 305 HOH HOH B . 
F 4 HOH 68 306 306 HOH HOH B . 
F 4 HOH 69 307 307 HOH HOH B . 
F 4 HOH 70 308 308 HOH HOH B . 
F 4 HOH 71 310 310 HOH HOH B . 
F 4 HOH 72 312 312 HOH HOH B . 
F 4 HOH 73 313 313 HOH HOH B . 
F 4 HOH 74 315 315 HOH HOH B . 
F 4 HOH 75 317 317 HOH HOH B . 
F 4 HOH 76 320 320 HOH HOH B . 
F 4 HOH 77 321 321 HOH HOH B . 
F 4 HOH 78 325 325 HOH HOH B . 
F 4 HOH 79 328 328 HOH HOH B . 
F 4 HOH 80 329 329 HOH HOH B . 
# 
loop_
_software.name 
_software.classification 
_software.version 
_software.citation_id 
_software.pdbx_ordinal 
AMoRE     phasing          . ? 1 
CNS       refinement       . ? 2 
DENZO     'data reduction' . ? 3 
SCALEPACK 'data scaling'   . ? 4 
# 
_cell.entry_id           1EI4 
_cell.length_a           25.280 
_cell.length_b           40.550 
_cell.length_c           65.130 
_cell.angle_alpha        90.00 
_cell.angle_beta         90.00 
_cell.angle_gamma        90.00 
_cell.Z_PDB              8 
_cell.pdbx_unique_axis   ? 
# 
_symmetry.entry_id                         1EI4 
_symmetry.space_group_name_H-M             'P 21 21 21' 
_symmetry.pdbx_full_space_group_name_H-M   ? 
_symmetry.cell_setting                     orthorhombic 
_symmetry.Int_Tables_number                19 
# 
_exptl.entry_id          1EI4 
_exptl.method            'X-RAY DIFFRACTION' 
_exptl.crystals_number   1 
# 
_exptl_crystal.id                    1 
_exptl_crystal.density_meas          ? 
_exptl_crystal.density_percent_sol   42.41 
_exptl_crystal.density_Matthews      2.14 
_exptl_crystal.description           ? 
# 
_exptl_crystal_grow.crystal_id      1 
_exptl_crystal_grow.method          'VAPOR DIFFUSION, HANGING DROP' 
_exptl_crystal_grow.temp            295.0 
_exptl_crystal_grow.temp_details    ? 
_exptl_crystal_grow.pH              6.8 
_exptl_crystal_grow.pdbx_details    
'OLIGONUCLEOTIDE, SPERMINE, MAGNESIUM ACETATE, SODIUM CACODYLATE BUFFER, pH 6.8, VAPOR DIFFUSION, HANGING DROP, temperature 295.0K' 
_exptl_crystal_grow.pdbx_pH_range   ? 
# 
loop_
_exptl_crystal_grow_comp.crystal_id 
_exptl_crystal_grow_comp.id 
_exptl_crystal_grow_comp.sol_id 
_exptl_crystal_grow_comp.name 
_exptl_crystal_grow_comp.volume 
_exptl_crystal_grow_comp.conc 
_exptl_crystal_grow_comp.details 
1 1 1 SPERMINE                   ? ? ? 
1 2 1 'MAGNESIUM ACETATE'        ? ? ? 
1 3 1 'SODIUM CACODYLATE BUFFER' ? ? ? 
1 4 2 'MAGNESIUM ACETATE'        ? ? ? 
# 
_diffrn.id                     1 
_diffrn.ambient_temp           105.0 
_diffrn.ambient_temp_details   ? 
_diffrn.crystal_id             1 
# 
_diffrn_detector.diffrn_id              1 
_diffrn_detector.detector               CCD 
_diffrn_detector.type                   MARRESEARCH 
_diffrn_detector.pdbx_collection_date   1999-06-04 
_diffrn_detector.details                ? 
# 
_diffrn_radiation.diffrn_id                        1 
_diffrn_radiation.wavelength_id                    1 
_diffrn_radiation.pdbx_monochromatic_or_laue_m_l   M 
_diffrn_radiation.monochromator                    ? 
_diffrn_radiation.pdbx_diffrn_protocol             'SINGLE WAVELENGTH' 
_diffrn_radiation.pdbx_scattering_type             x-ray 
# 
_diffrn_radiation_wavelength.id           1 
_diffrn_radiation_wavelength.wavelength   1.0000 
_diffrn_radiation_wavelength.wt           1.0 
# 
_diffrn_source.diffrn_id                   1 
_diffrn_source.source                      SYNCHROTRON 
_diffrn_source.type                        'APS BEAMLINE 5ID-B' 
_diffrn_source.pdbx_synchrotron_site       APS 
_diffrn_source.pdbx_synchrotron_beamline   5ID-B 
_diffrn_source.pdbx_wavelength             1.0000 
_diffrn_source.pdbx_wavelength_list        ? 
# 
_reflns.entry_id                     1EI4 
_reflns.observed_criterion_sigma_I   -3.0 
_reflns.observed_criterion_sigma_F   ? 
_reflns.d_resolution_low             20.0 
_reflns.d_resolution_high            1.43 
_reflns.number_obs                   13592 
_reflns.number_all                   13592 
_reflns.percent_possible_obs         99.9 
_reflns.pdbx_Rmerge_I_obs            0.0650000 
_reflns.pdbx_Rsym_value              ? 
_reflns.pdbx_netI_over_sigmaI        44.4 
_reflns.B_iso_Wilson_estimate        ? 
_reflns.pdbx_redundancy              8.5 
_reflns.R_free_details               ? 
_reflns.pdbx_diffrn_id               1 
_reflns.pdbx_ordinal                 1 
# 
_reflns_shell.d_res_high             1.43 
_reflns_shell.d_res_low              1.48 
_reflns_shell.percent_possible_all   99.2 
_reflns_shell.Rmerge_I_obs           0.1880000 
_reflns_shell.pdbx_Rsym_value        ? 
_reflns_shell.meanI_over_sigI_obs    ? 
_reflns_shell.pdbx_redundancy        6.6 
_reflns_shell.percent_possible_obs   ? 
_reflns_shell.number_unique_all      ? 
_reflns_shell.pdbx_diffrn_id         ? 
_reflns_shell.pdbx_ordinal           1 
# 
_refine.entry_id                                 1EI4 
_refine.ls_number_reflns_obs                     12716 
_refine.ls_number_reflns_all                     12720 
_refine.pdbx_ls_sigma_I                          0.0 
_refine.pdbx_ls_sigma_F                          0.0 
_refine.pdbx_data_cutoff_high_absF               ? 
_refine.pdbx_data_cutoff_low_absF                ? 
_refine.pdbx_data_cutoff_high_rms_absF           ? 
_refine.ls_d_res_low                             17.0 
_refine.ls_d_res_high                            1.43 
_refine.ls_percent_reflns_obs                    98.2 
_refine.ls_R_factor_obs                          0.1980000 
_refine.ls_R_factor_all                          ? 
_refine.ls_R_factor_R_work                       0.1980000 
_refine.ls_R_factor_R_free                       0.2110000 
_refine.ls_R_factor_R_free_error                 ? 
_refine.ls_R_factor_R_free_error_details         ? 
_refine.ls_percent_reflns_R_free                 10 
_refine.ls_number_reflns_R_free                  1296 
_refine.ls_number_parameters                     ? 
_refine.ls_number_restraints                     ? 
_refine.occupancy_min                            ? 
_refine.occupancy_max                            ? 
_refine.B_iso_mean                               ? 
_refine.aniso_B[1][1]                            -6.795 
_refine.aniso_B[2][2]                            1.823 
_refine.aniso_B[3][3]                            4.972 
_refine.aniso_B[1][2]                            0.000 
_refine.aniso_B[1][3]                            0.000 
_refine.aniso_B[2][3]                            0.000 
_refine.solvent_model_details                    ? 
_refine.solvent_model_param_ksol                 ? 
_refine.solvent_model_param_bsol                 ? 
_refine.pdbx_ls_cross_valid_method               THROUGHOUT 
_refine.details                                  'MAXIMUM LIKELIHOOD TARGET USING AMPLITUDES, BULK SOLVENT CORRECTION' 
_refine.pdbx_starting_model                      ? 
_refine.pdbx_method_to_determine_struct          ? 
_refine.pdbx_isotropic_thermal_model             ? 
_refine.pdbx_stereochemistry_target_values       'PARKINSON ET AL.' 
_refine.pdbx_stereochem_target_val_spec_case     ? 
_refine.pdbx_R_Free_selection_details            RANDOM 
_refine.pdbx_overall_ESU_R                       ? 
_refine.pdbx_overall_ESU_R_Free                  ? 
_refine.overall_SU_ML                            ? 
_refine.overall_SU_B                             ? 
_refine.ls_redundancy_reflns_obs                 ? 
_refine.correlation_coeff_Fo_to_Fc               ? 
_refine.correlation_coeff_Fo_to_Fc_free          ? 
_refine.overall_SU_R_Cruickshank_DPI             ? 
_refine.overall_SU_R_free                        ? 
_refine.pdbx_refine_id                           'X-RAY DIFFRACTION' 
_refine.pdbx_diffrn_id                           1 
_refine.pdbx_TLS_residual_ADP_flag               ? 
_refine.pdbx_solvent_vdw_probe_radii             ? 
_refine.pdbx_solvent_ion_probe_radii             ? 
_refine.pdbx_solvent_shrinkage_radii             ? 
_refine.pdbx_overall_phase_error                 ? 
_refine.pdbx_overall_SU_R_free_Cruickshank_DPI   ? 
_refine.pdbx_overall_SU_R_Blow_DPI               ? 
_refine.pdbx_overall_SU_R_free_Blow_DPI          ? 
# 
_refine_hist.pdbx_refine_id                   'X-RAY DIFFRACTION' 
_refine_hist.cycle_id                         LAST 
_refine_hist.pdbx_number_atoms_protein        0 
_refine_hist.pdbx_number_atoms_nucleic_acid   498 
_refine_hist.pdbx_number_atoms_ligand         15 
_refine_hist.number_atoms_solvent             159 
_refine_hist.number_atoms_total               672 
_refine_hist.d_res_high                       1.43 
_refine_hist.d_res_low                        17.0 
# 
loop_
_refine_ls_restr.type 
_refine_ls_restr.dev_ideal 
_refine_ls_restr.dev_ideal_target 
_refine_ls_restr.weight 
_refine_ls_restr.number 
_refine_ls_restr.pdbx_refine_id 
_refine_ls_restr.pdbx_restraint_function 
c_bond_d                0.010 ? ? ? 'X-RAY DIFFRACTION' ? 
c_bond_d_na             ?     ? ? ? 'X-RAY DIFFRACTION' ? 
c_bond_d_prot           ?     ? ? ? 'X-RAY DIFFRACTION' ? 
c_angle_d               ?     ? ? ? 'X-RAY DIFFRACTION' ? 
c_angle_d_na            ?     ? ? ? 'X-RAY DIFFRACTION' ? 
c_angle_d_prot          ?     ? ? ? 'X-RAY DIFFRACTION' ? 
c_angle_deg             1.55  ? ? ? 'X-RAY DIFFRACTION' ? 
c_angle_deg_na          ?     ? ? ? 'X-RAY DIFFRACTION' ? 
c_angle_deg_prot        ?     ? ? ? 'X-RAY DIFFRACTION' ? 
c_dihedral_angle_d      ?     ? ? ? 'X-RAY DIFFRACTION' ? 
c_dihedral_angle_d_na   ?     ? ? ? 'X-RAY DIFFRACTION' ? 
c_dihedral_angle_d_prot ?     ? ? ? 'X-RAY DIFFRACTION' ? 
c_improper_angle_d      ?     ? ? ? 'X-RAY DIFFRACTION' ? 
c_improper_angle_d_na   ?     ? ? ? 'X-RAY DIFFRACTION' ? 
c_improper_angle_d_prot ?     ? ? ? 'X-RAY DIFFRACTION' ? 
c_mcbond_it             ?     ? ? ? 'X-RAY DIFFRACTION' ? 
c_mcangle_it            ?     ? ? ? 'X-RAY DIFFRACTION' ? 
c_scbond_it             ?     ? ? ? 'X-RAY DIFFRACTION' ? 
c_scangle_it            ?     ? ? ? 'X-RAY DIFFRACTION' ? 
# 
_struct.entry_id                  1EI4 
_struct.title                     
;B-DNA DODECAMER CGCGAAT(TLC)CGCG WITH INCORPORATED [3.3.0]BICYCLO-ARABINO-THYMINE-5'-PHOSPHATE
;
_struct.pdbx_model_details        ? 
_struct.pdbx_CASP_flag            ? 
_struct.pdbx_model_type_details   ? 
# 
_struct_keywords.entry_id        1EI4 
_struct_keywords.pdbx_keywords   DNA 
_struct_keywords.text            'MODIFIED B-DODECAMER, [3.3.0]BICYCLO-ARABINONUCLEIC ACID, DNA' 
# 
loop_
_struct_asym.id 
_struct_asym.pdbx_blank_PDB_chainid_flag 
_struct_asym.pdbx_modified 
_struct_asym.entity_id 
_struct_asym.details 
A N N 1 ? 
B N N 1 ? 
C N N 2 ? 
D N N 3 ? 
E N N 4 ? 
F N N 4 ? 
# 
_struct_ref.id                         1 
_struct_ref.entity_id                  1 
_struct_ref.db_name                    PDB 
_struct_ref.db_code                    1EI4 
_struct_ref.pdbx_db_accession          1EI4 
_struct_ref.pdbx_db_isoform            ? 
_struct_ref.pdbx_seq_one_letter_code   ? 
_struct_ref.pdbx_align_begin           ? 
# 
loop_
_struct_ref_seq.align_id 
_struct_ref_seq.ref_id 
_struct_ref_seq.pdbx_PDB_id_code 
_struct_ref_seq.pdbx_strand_id 
_struct_ref_seq.seq_align_beg 
_struct_ref_seq.pdbx_seq_align_beg_ins_code 
_struct_ref_seq.seq_align_end 
_struct_ref_seq.pdbx_seq_align_end_ins_code 
_struct_ref_seq.pdbx_db_accession 
_struct_ref_seq.db_align_beg 
_struct_ref_seq.pdbx_db_align_beg_ins_code 
_struct_ref_seq.db_align_end 
_struct_ref_seq.pdbx_db_align_end_ins_code 
_struct_ref_seq.pdbx_auth_seq_align_beg 
_struct_ref_seq.pdbx_auth_seq_align_end 
1 1 1EI4 A 1 ? 12 ? 1EI4 1  ? 12 ? 1  12 
2 1 1EI4 B 1 ? 12 ? 1EI4 13 ? 24 ? 13 24 
# 
_pdbx_struct_assembly.id                   1 
_pdbx_struct_assembly.details              author_defined_assembly 
_pdbx_struct_assembly.method_details       ? 
_pdbx_struct_assembly.oligomeric_details   dimeric 
_pdbx_struct_assembly.oligomeric_count     2 
# 
_pdbx_struct_assembly_gen.assembly_id       1 
_pdbx_struct_assembly_gen.oper_expression   1 
_pdbx_struct_assembly_gen.asym_id_list      A,B,C,D,E,F 
# 
_pdbx_struct_oper_list.id                   1 
_pdbx_struct_oper_list.type                 'identity operation' 
_pdbx_struct_oper_list.name                 1_555 
_pdbx_struct_oper_list.symmetry_operation   x,y,z 
_pdbx_struct_oper_list.matrix[1][1]         1.0000000000 
_pdbx_struct_oper_list.matrix[1][2]         0.0000000000 
_pdbx_struct_oper_list.matrix[1][3]         0.0000000000 
_pdbx_struct_oper_list.vector[1]            0.0000000000 
_pdbx_struct_oper_list.matrix[2][1]         0.0000000000 
_pdbx_struct_oper_list.matrix[2][2]         1.0000000000 
_pdbx_struct_oper_list.matrix[2][3]         0.0000000000 
_pdbx_struct_oper_list.vector[2]            0.0000000000 
_pdbx_struct_oper_list.matrix[3][1]         0.0000000000 
_pdbx_struct_oper_list.matrix[3][2]         0.0000000000 
_pdbx_struct_oper_list.matrix[3][3]         1.0000000000 
_pdbx_struct_oper_list.vector[3]            0.0000000000 
# 
_struct_biol.id                    1 
_struct_biol.pdbx_parent_biol_id   ? 
_struct_biol.details               ? 
# 
loop_
_struct_conn.id 
_struct_conn.conn_type_id 
_struct_conn.pdbx_leaving_atom_flag 
_struct_conn.pdbx_PDB_id 
_struct_conn.ptnr1_label_asym_id 
_struct_conn.ptnr1_label_comp_id 
_struct_conn.ptnr1_label_seq_id 
_struct_conn.ptnr1_label_atom_id 
_struct_conn.pdbx_ptnr1_label_alt_id 
_struct_conn.pdbx_ptnr1_PDB_ins_code 
_struct_conn.pdbx_ptnr1_standard_comp_id 
_struct_conn.ptnr1_symmetry 
_struct_conn.ptnr2_label_asym_id 
_struct_conn.ptnr2_label_comp_id 
_struct_conn.ptnr2_label_seq_id 
_struct_conn.ptnr2_label_atom_id 
_struct_conn.pdbx_ptnr2_label_alt_id 
_struct_conn.pdbx_ptnr2_PDB_ins_code 
_struct_conn.ptnr1_auth_asym_id 
_struct_conn.ptnr1_auth_comp_id 
_struct_conn.ptnr1_auth_seq_id 
_struct_conn.ptnr2_auth_asym_id 
_struct_conn.ptnr2_auth_comp_id 
_struct_conn.ptnr2_auth_seq_id 
_struct_conn.ptnr2_symmetry 
_struct_conn.pdbx_ptnr3_label_atom_id 
_struct_conn.pdbx_ptnr3_label_seq_id 
_struct_conn.pdbx_ptnr3_label_comp_id 
_struct_conn.pdbx_ptnr3_label_asym_id 
_struct_conn.pdbx_ptnr3_label_alt_id 
_struct_conn.pdbx_ptnr3_PDB_ins_code 
_struct_conn.details 
_struct_conn.pdbx_dist_value 
_struct_conn.pdbx_value_order 
_struct_conn.pdbx_role 
covale1  covale both ? A DA  6  "O3'" ? ? ? 1_555 A TLC 7  P  ? ? A DA  6  A TLC 7  1_555 ? ? ? ? ? ? ?            1.598 ? ? 
covale2  covale both ? A TLC 7  "O3'" ? ? ? 1_555 A TLC 8  P  ? ? A TLC 7  A TLC 8  1_555 ? ? ? ? ? ? ?            1.606 ? ? 
covale3  covale both ? A TLC 8  "O3'" ? ? ? 1_555 A DC  9  P  ? ? A TLC 8  A DC  9  1_555 ? ? ? ? ? ? ?            1.614 ? ? 
covale4  covale both ? B DA  6  "O3'" ? ? ? 1_555 B TLC 7  P  ? ? B DA  18 B TLC 19 1_555 ? ? ? ? ? ? ?            1.608 ? ? 
covale5  covale both ? B TLC 7  "O3'" ? ? ? 1_555 B TLC 8  P  ? ? B TLC 19 B TLC 20 1_555 ? ? ? ? ? ? ?            1.619 ? ? 
covale6  covale both ? B TLC 8  "O3'" ? ? ? 1_555 B DC  9  P  ? ? B TLC 20 B DC  21 1_555 ? ? ? ? ? ? ?            1.615 ? ? 
metalc1  metalc ?    ? C MG  .  MG    ? ? ? 1_555 E HOH .  O  ? ? A MG  25 A HOH 26 1_555 ? ? ? ? ? ? ?            2.134 ? ? 
metalc2  metalc ?    ? C MG  .  MG    ? ? ? 1_555 E HOH .  O  ? ? A MG  25 A HOH 27 1_555 ? ? ? ? ? ? ?            2.068 ? ? 
metalc3  metalc ?    ? C MG  .  MG    ? ? ? 1_555 E HOH .  O  ? ? A MG  25 A HOH 28 1_555 ? ? ? ? ? ? ?            2.106 ? ? 
metalc4  metalc ?    ? C MG  .  MG    ? ? ? 1_555 E HOH .  O  ? ? A MG  25 A HOH 29 1_555 ? ? ? ? ? ? ?            2.216 ? ? 
metalc5  metalc ?    ? C MG  .  MG    ? ? ? 1_555 E HOH .  O  ? ? A MG  25 A HOH 31 1_555 ? ? ? ? ? ? ?            2.210 ? ? 
metalc6  metalc ?    ? C MG  .  MG    ? ? ? 1_555 F HOH .  O  ? ? A MG  25 B HOH 30 1_555 ? ? ? ? ? ? ?            2.165 ? ? 
hydrog1  hydrog ?    ? A DC  1  N3    ? ? ? 1_555 B DG  12 N1 ? ? A DC  1  B DG  24 1_555 ? ? ? ? ? ? WATSON-CRICK ?     ? ? 
hydrog2  hydrog ?    ? A DC  1  N4    ? ? ? 1_555 B DG  12 O6 ? ? A DC  1  B DG  24 1_555 ? ? ? ? ? ? WATSON-CRICK ?     ? ? 
hydrog3  hydrog ?    ? A DC  1  O2    ? ? ? 1_555 B DG  12 N2 ? ? A DC  1  B DG  24 1_555 ? ? ? ? ? ? WATSON-CRICK ?     ? ? 
hydrog4  hydrog ?    ? A DG  2  N1    ? ? ? 1_555 B DC  11 N3 ? ? A DG  2  B DC  23 1_555 ? ? ? ? ? ? WATSON-CRICK ?     ? ? 
hydrog5  hydrog ?    ? A DG  2  N2    ? ? ? 1_555 B DC  11 O2 ? ? A DG  2  B DC  23 1_555 ? ? ? ? ? ? WATSON-CRICK ?     ? ? 
hydrog6  hydrog ?    ? A DG  2  O6    ? ? ? 1_555 B DC  11 N4 ? ? A DG  2  B DC  23 1_555 ? ? ? ? ? ? WATSON-CRICK ?     ? ? 
hydrog7  hydrog ?    ? A DC  3  N3    ? ? ? 1_555 B DG  10 N1 ? ? A DC  3  B DG  22 1_555 ? ? ? ? ? ? WATSON-CRICK ?     ? ? 
hydrog8  hydrog ?    ? A DC  3  N4    ? ? ? 1_555 B DG  10 O6 ? ? A DC  3  B DG  22 1_555 ? ? ? ? ? ? WATSON-CRICK ?     ? ? 
hydrog9  hydrog ?    ? A DC  3  O2    ? ? ? 1_555 B DG  10 N2 ? ? A DC  3  B DG  22 1_555 ? ? ? ? ? ? WATSON-CRICK ?     ? ? 
hydrog10 hydrog ?    ? A DG  4  N1    ? ? ? 1_555 B DC  9  N3 ? ? A DG  4  B DC  21 1_555 ? ? ? ? ? ? WATSON-CRICK ?     ? ? 
hydrog11 hydrog ?    ? A DG  4  N2    ? ? ? 1_555 B DC  9  O2 ? ? A DG  4  B DC  21 1_555 ? ? ? ? ? ? WATSON-CRICK ?     ? ? 
hydrog12 hydrog ?    ? A DG  4  O6    ? ? ? 1_555 B DC  9  N4 ? ? A DG  4  B DC  21 1_555 ? ? ? ? ? ? WATSON-CRICK ?     ? ? 
hydrog13 hydrog ?    ? A DA  5  N1    ? ? ? 1_555 B TLC 8  N3 ? ? A DA  5  B TLC 20 1_555 ? ? ? ? ? ? WATSON-CRICK ?     ? ? 
hydrog14 hydrog ?    ? A DA  5  N6    ? ? ? 1_555 B TLC 8  O4 ? ? A DA  5  B TLC 20 1_555 ? ? ? ? ? ? WATSON-CRICK ?     ? ? 
hydrog15 hydrog ?    ? A DA  6  N1    ? ? ? 1_555 B TLC 7  N3 ? ? A DA  6  B TLC 19 1_555 ? ? ? ? ? ? WATSON-CRICK ?     ? ? 
hydrog16 hydrog ?    ? A DA  6  N6    ? ? ? 1_555 B TLC 7  O4 ? ? A DA  6  B TLC 19 1_555 ? ? ? ? ? ? WATSON-CRICK ?     ? ? 
hydrog17 hydrog ?    ? A TLC 7  N3    ? ? ? 1_555 B DA  6  N1 ? ? A TLC 7  B DA  18 1_555 ? ? ? ? ? ? WATSON-CRICK ?     ? ? 
hydrog18 hydrog ?    ? A TLC 7  O4    ? ? ? 1_555 B DA  6  N6 ? ? A TLC 7  B DA  18 1_555 ? ? ? ? ? ? WATSON-CRICK ?     ? ? 
hydrog19 hydrog ?    ? A TLC 8  N3    ? ? ? 1_555 B DA  5  N1 ? ? A TLC 8  B DA  17 1_555 ? ? ? ? ? ? WATSON-CRICK ?     ? ? 
hydrog20 hydrog ?    ? A TLC 8  O4    ? ? ? 1_555 B DA  5  N6 ? ? A TLC 8  B DA  17 1_555 ? ? ? ? ? ? WATSON-CRICK ?     ? ? 
hydrog21 hydrog ?    ? A DC  9  N3    ? ? ? 1_555 B DG  4  N1 ? ? A DC  9  B DG  16 1_555 ? ? ? ? ? ? WATSON-CRICK ?     ? ? 
hydrog22 hydrog ?    ? A DC  9  N4    ? ? ? 1_555 B DG  4  O6 ? ? A DC  9  B DG  16 1_555 ? ? ? ? ? ? WATSON-CRICK ?     ? ? 
hydrog23 hydrog ?    ? A DC  9  O2    ? ? ? 1_555 B DG  4  N2 ? ? A DC  9  B DG  16 1_555 ? ? ? ? ? ? WATSON-CRICK ?     ? ? 
hydrog24 hydrog ?    ? A DG  10 N1    ? ? ? 1_555 B DC  3  N3 ? ? A DG  10 B DC  15 1_555 ? ? ? ? ? ? WATSON-CRICK ?     ? ? 
hydrog25 hydrog ?    ? A DG  10 N2    ? ? ? 1_555 B DC  3  O2 ? ? A DG  10 B DC  15 1_555 ? ? ? ? ? ? WATSON-CRICK ?     ? ? 
hydrog26 hydrog ?    ? A DG  10 O6    ? ? ? 1_555 B DC  3  N4 ? ? A DG  10 B DC  15 1_555 ? ? ? ? ? ? WATSON-CRICK ?     ? ? 
hydrog27 hydrog ?    ? A DC  11 N3    ? ? ? 1_555 B DG  2  N1 ? ? A DC  11 B DG  14 1_555 ? ? ? ? ? ? WATSON-CRICK ?     ? ? 
hydrog28 hydrog ?    ? A DC  11 N4    ? ? ? 1_555 B DG  2  O6 ? ? A DC  11 B DG  14 1_555 ? ? ? ? ? ? WATSON-CRICK ?     ? ? 
hydrog29 hydrog ?    ? A DC  11 O2    ? ? ? 1_555 B DG  2  N2 ? ? A DC  11 B DG  14 1_555 ? ? ? ? ? ? WATSON-CRICK ?     ? ? 
hydrog30 hydrog ?    ? A DG  12 N1    ? ? ? 1_555 B DC  1  N3 ? ? A DG  12 B DC  13 1_555 ? ? ? ? ? ? WATSON-CRICK ?     ? ? 
hydrog31 hydrog ?    ? A DG  12 N2    ? ? ? 1_555 B DC  1  O2 ? ? A DG  12 B DC  13 1_555 ? ? ? ? ? ? WATSON-CRICK ?     ? ? 
hydrog32 hydrog ?    ? A DG  12 O6    ? ? ? 1_555 B DC  1  N4 ? ? A DG  12 B DC  13 1_555 ? ? ? ? ? ? WATSON-CRICK ?     ? ? 
# 
loop_
_struct_conn_type.id 
_struct_conn_type.criteria 
_struct_conn_type.reference 
covale ? ? 
metalc ? ? 
hydrog ? ? 
# 
loop_
_pdbx_struct_conn_angle.id 
_pdbx_struct_conn_angle.ptnr1_label_atom_id 
_pdbx_struct_conn_angle.ptnr1_label_alt_id 
_pdbx_struct_conn_angle.ptnr1_label_asym_id 
_pdbx_struct_conn_angle.ptnr1_label_comp_id 
_pdbx_struct_conn_angle.ptnr1_label_seq_id 
_pdbx_struct_conn_angle.ptnr1_auth_atom_id 
_pdbx_struct_conn_angle.ptnr1_auth_asym_id 
_pdbx_struct_conn_angle.ptnr1_auth_comp_id 
_pdbx_struct_conn_angle.ptnr1_auth_seq_id 
_pdbx_struct_conn_angle.ptnr1_PDB_ins_code 
_pdbx_struct_conn_angle.ptnr1_symmetry 
_pdbx_struct_conn_angle.ptnr2_label_atom_id 
_pdbx_struct_conn_angle.ptnr2_label_alt_id 
_pdbx_struct_conn_angle.ptnr2_label_asym_id 
_pdbx_struct_conn_angle.ptnr2_label_comp_id 
_pdbx_struct_conn_angle.ptnr2_label_seq_id 
_pdbx_struct_conn_angle.ptnr2_auth_atom_id 
_pdbx_struct_conn_angle.ptnr2_auth_asym_id 
_pdbx_struct_conn_angle.ptnr2_auth_comp_id 
_pdbx_struct_conn_angle.ptnr2_auth_seq_id 
_pdbx_struct_conn_angle.ptnr2_PDB_ins_code 
_pdbx_struct_conn_angle.ptnr2_symmetry 
_pdbx_struct_conn_angle.ptnr3_label_atom_id 
_pdbx_struct_conn_angle.ptnr3_label_alt_id 
_pdbx_struct_conn_angle.ptnr3_label_asym_id 
_pdbx_struct_conn_angle.ptnr3_label_comp_id 
_pdbx_struct_conn_angle.ptnr3_label_seq_id 
_pdbx_struct_conn_angle.ptnr3_auth_atom_id 
_pdbx_struct_conn_angle.ptnr3_auth_asym_id 
_pdbx_struct_conn_angle.ptnr3_auth_comp_id 
_pdbx_struct_conn_angle.ptnr3_auth_seq_id 
_pdbx_struct_conn_angle.ptnr3_PDB_ins_code 
_pdbx_struct_conn_angle.ptnr3_symmetry 
_pdbx_struct_conn_angle.value 
_pdbx_struct_conn_angle.value_esd 
1  O ? E HOH . ? A HOH 26 ? 1_555 MG ? C MG . ? A MG 25 ? 1_555 O ? E HOH . ? A HOH 27 ? 1_555 176.5 ? 
2  O ? E HOH . ? A HOH 26 ? 1_555 MG ? C MG . ? A MG 25 ? 1_555 O ? E HOH . ? A HOH 28 ? 1_555 93.8  ? 
3  O ? E HOH . ? A HOH 27 ? 1_555 MG ? C MG . ? A MG 25 ? 1_555 O ? E HOH . ? A HOH 28 ? 1_555 89.2  ? 
4  O ? E HOH . ? A HOH 26 ? 1_555 MG ? C MG . ? A MG 25 ? 1_555 O ? E HOH . ? A HOH 29 ? 1_555 87.6  ? 
5  O ? E HOH . ? A HOH 27 ? 1_555 MG ? C MG . ? A MG 25 ? 1_555 O ? E HOH . ? A HOH 29 ? 1_555 89.4  ? 
6  O ? E HOH . ? A HOH 28 ? 1_555 MG ? C MG . ? A MG 25 ? 1_555 O ? E HOH . ? A HOH 29 ? 1_555 177.6 ? 
7  O ? E HOH . ? A HOH 26 ? 1_555 MG ? C MG . ? A MG 25 ? 1_555 O ? E HOH . ? A HOH 31 ? 1_555 94.5  ? 
8  O ? E HOH . ? A HOH 27 ? 1_555 MG ? C MG . ? A MG 25 ? 1_555 O ? E HOH . ? A HOH 31 ? 1_555 87.4  ? 
9  O ? E HOH . ? A HOH 28 ? 1_555 MG ? C MG . ? A MG 25 ? 1_555 O ? E HOH . ? A HOH 31 ? 1_555 89.3  ? 
10 O ? E HOH . ? A HOH 29 ? 1_555 MG ? C MG . ? A MG 25 ? 1_555 O ? E HOH . ? A HOH 31 ? 1_555 92.5  ? 
11 O ? E HOH . ? A HOH 26 ? 1_555 MG ? C MG . ? A MG 25 ? 1_555 O ? F HOH . ? B HOH 30 ? 1_555 88.3  ? 
12 O ? E HOH . ? A HOH 27 ? 1_555 MG ? C MG . ? A MG 25 ? 1_555 O ? F HOH . ? B HOH 30 ? 1_555 89.8  ? 
13 O ? E HOH . ? A HOH 28 ? 1_555 MG ? C MG . ? A MG 25 ? 1_555 O ? F HOH . ? B HOH 30 ? 1_555 90.1  ? 
14 O ? E HOH . ? A HOH 29 ? 1_555 MG ? C MG . ? A MG 25 ? 1_555 O ? F HOH . ? B HOH 30 ? 1_555 88.0  ? 
15 O ? E HOH . ? A HOH 31 ? 1_555 MG ? C MG . ? A MG 25 ? 1_555 O ? F HOH . ? B HOH 30 ? 1_555 177.1 ? 
# 
loop_
_struct_site.id 
_struct_site.pdbx_evidence_code 
_struct_site.pdbx_auth_asym_id 
_struct_site.pdbx_auth_comp_id 
_struct_site.pdbx_auth_seq_id 
_struct_site.pdbx_auth_ins_code 
_struct_site.pdbx_num_residues 
_struct_site.details 
AC1 Software B SPM 521 ? 12 'BINDING SITE FOR RESIDUE SPM B 521' 
AC2 Software A MG  25  ? 6  'BINDING SITE FOR RESIDUE MG A 25'   
# 
loop_
_struct_site_gen.id 
_struct_site_gen.site_id 
_struct_site_gen.pdbx_num_res 
_struct_site_gen.label_comp_id 
_struct_site_gen.label_asym_id 
_struct_site_gen.label_seq_id 
_struct_site_gen.pdbx_auth_ins_code 
_struct_site_gen.auth_comp_id 
_struct_site_gen.auth_asym_id 
_struct_site_gen.auth_seq_id 
_struct_site_gen.label_atom_id 
_struct_site_gen.label_alt_id 
_struct_site_gen.symmetry 
_struct_site_gen.details 
1  AC1 12 DG  A 10 ? DG  A 10  . ? 1_555 ? 
2  AC1 12 HOH E .  ? HOH A 227 . ? 1_555 ? 
3  AC1 12 HOH E .  ? HOH A 252 . ? 1_555 ? 
4  AC1 12 DC  B 1  ? DC  B 13  . ? 1_555 ? 
5  AC1 12 DG  B 2  ? DG  B 14  . ? 1_555 ? 
6  AC1 12 TLC B 7  ? TLC B 19  . ? 4_556 ? 
7  AC1 12 DC  B 11 ? DC  B 23  . ? 2_655 ? 
8  AC1 12 DG  B 12 ? DG  B 24  . ? 2_655 ? 
9  AC1 12 HOH F .  ? HOH B 148 . ? 2_655 ? 
10 AC1 12 HOH F .  ? HOH B 164 . ? 1_555 ? 
11 AC1 12 HOH F .  ? HOH B 281 . ? 2_655 ? 
12 AC1 12 HOH F .  ? HOH B 325 . ? 1_555 ? 
13 AC2 6  HOH E .  ? HOH A 26  . ? 1_555 ? 
14 AC2 6  HOH E .  ? HOH A 27  . ? 1_555 ? 
15 AC2 6  HOH E .  ? HOH A 28  . ? 1_555 ? 
16 AC2 6  HOH E .  ? HOH A 29  . ? 1_555 ? 
17 AC2 6  HOH E .  ? HOH A 31  . ? 1_555 ? 
18 AC2 6  HOH F .  ? HOH B 30  . ? 1_555 ? 
# 
loop_
_pdbx_validate_planes.id 
_pdbx_validate_planes.PDB_model_num 
_pdbx_validate_planes.auth_comp_id 
_pdbx_validate_planes.auth_asym_id 
_pdbx_validate_planes.auth_seq_id 
_pdbx_validate_planes.PDB_ins_code 
_pdbx_validate_planes.label_alt_id 
_pdbx_validate_planes.rmsd 
_pdbx_validate_planes.type 
1 1 DC A 9  ? ? 0.091 'SIDE CHAIN' 
2 1 DC A 11 ? ? 0.081 'SIDE CHAIN' 
3 1 DC B 15 ? ? 0.061 'SIDE CHAIN' 
4 1 DC B 23 ? ? 0.073 'SIDE CHAIN' 
# 
loop_
_pdbx_struct_mod_residue.id 
_pdbx_struct_mod_residue.label_asym_id 
_pdbx_struct_mod_residue.label_comp_id 
_pdbx_struct_mod_residue.label_seq_id 
_pdbx_struct_mod_residue.auth_asym_id 
_pdbx_struct_mod_residue.auth_comp_id 
_pdbx_struct_mod_residue.auth_seq_id 
_pdbx_struct_mod_residue.PDB_ins_code 
_pdbx_struct_mod_residue.parent_comp_id 
_pdbx_struct_mod_residue.details 
1 A TLC 7 A TLC 7  ? DT ? 
2 A TLC 8 A TLC 8  ? DT ? 
3 B TLC 7 B TLC 19 ? DT ? 
4 B TLC 8 B TLC 20 ? DT ? 
# 
loop_
_chem_comp_atom.comp_id 
_chem_comp_atom.atom_id 
_chem_comp_atom.type_symbol 
_chem_comp_atom.pdbx_aromatic_flag 
_chem_comp_atom.pdbx_stereo_config 
_chem_comp_atom.pdbx_ordinal 
DA  OP3    O  N N 1   
DA  P      P  N N 2   
DA  OP1    O  N N 3   
DA  OP2    O  N N 4   
DA  "O5'"  O  N N 5   
DA  "C5'"  C  N N 6   
DA  "C4'"  C  N R 7   
DA  "O4'"  O  N N 8   
DA  "C3'"  C  N S 9   
DA  "O3'"  O  N N 10  
DA  "C2'"  C  N N 11  
DA  "C1'"  C  N R 12  
DA  N9     N  Y N 13  
DA  C8     C  Y N 14  
DA  N7     N  Y N 15  
DA  C5     C  Y N 16  
DA  C6     C  Y N 17  
DA  N6     N  N N 18  
DA  N1     N  Y N 19  
DA  C2     C  Y N 20  
DA  N3     N  Y N 21  
DA  C4     C  Y N 22  
DA  HOP3   H  N N 23  
DA  HOP2   H  N N 24  
DA  "H5'"  H  N N 25  
DA  "H5''" H  N N 26  
DA  "H4'"  H  N N 27  
DA  "H3'"  H  N N 28  
DA  "HO3'" H  N N 29  
DA  "H2'"  H  N N 30  
DA  "H2''" H  N N 31  
DA  "H1'"  H  N N 32  
DA  H8     H  N N 33  
DA  H61    H  N N 34  
DA  H62    H  N N 35  
DA  H2     H  N N 36  
DC  OP3    O  N N 37  
DC  P      P  N N 38  
DC  OP1    O  N N 39  
DC  OP2    O  N N 40  
DC  "O5'"  O  N N 41  
DC  "C5'"  C  N N 42  
DC  "C4'"  C  N R 43  
DC  "O4'"  O  N N 44  
DC  "C3'"  C  N S 45  
DC  "O3'"  O  N N 46  
DC  "C2'"  C  N N 47  
DC  "C1'"  C  N R 48  
DC  N1     N  N N 49  
DC  C2     C  N N 50  
DC  O2     O  N N 51  
DC  N3     N  N N 52  
DC  C4     C  N N 53  
DC  N4     N  N N 54  
DC  C5     C  N N 55  
DC  C6     C  N N 56  
DC  HOP3   H  N N 57  
DC  HOP2   H  N N 58  
DC  "H5'"  H  N N 59  
DC  "H5''" H  N N 60  
DC  "H4'"  H  N N 61  
DC  "H3'"  H  N N 62  
DC  "HO3'" H  N N 63  
DC  "H2'"  H  N N 64  
DC  "H2''" H  N N 65  
DC  "H1'"  H  N N 66  
DC  H41    H  N N 67  
DC  H42    H  N N 68  
DC  H5     H  N N 69  
DC  H6     H  N N 70  
DG  OP3    O  N N 71  
DG  P      P  N N 72  
DG  OP1    O  N N 73  
DG  OP2    O  N N 74  
DG  "O5'"  O  N N 75  
DG  "C5'"  C  N N 76  
DG  "C4'"  C  N R 77  
DG  "O4'"  O  N N 78  
DG  "C3'"  C  N S 79  
DG  "O3'"  O  N N 80  
DG  "C2'"  C  N N 81  
DG  "C1'"  C  N R 82  
DG  N9     N  Y N 83  
DG  C8     C  Y N 84  
DG  N7     N  Y N 85  
DG  C5     C  Y N 86  
DG  C6     C  N N 87  
DG  O6     O  N N 88  
DG  N1     N  N N 89  
DG  C2     C  N N 90  
DG  N2     N  N N 91  
DG  N3     N  N N 92  
DG  C4     C  Y N 93  
DG  HOP3   H  N N 94  
DG  HOP2   H  N N 95  
DG  "H5'"  H  N N 96  
DG  "H5''" H  N N 97  
DG  "H4'"  H  N N 98  
DG  "H3'"  H  N N 99  
DG  "HO3'" H  N N 100 
DG  "H2'"  H  N N 101 
DG  "H2''" H  N N 102 
DG  "H1'"  H  N N 103 
DG  H8     H  N N 104 
DG  H1     H  N N 105 
DG  H21    H  N N 106 
DG  H22    H  N N 107 
HOH O      O  N N 108 
HOH H1     H  N N 109 
HOH H2     H  N N 110 
MG  MG     MG N N 111 
SPM N1     N  N N 112 
SPM C2     C  N N 113 
SPM C3     C  N N 114 
SPM C4     C  N N 115 
SPM N5     N  N N 116 
SPM C6     C  N N 117 
SPM C7     C  N N 118 
SPM C8     C  N N 119 
SPM C9     C  N N 120 
SPM N10    N  N N 121 
SPM C11    C  N N 122 
SPM C12    C  N N 123 
SPM C13    C  N N 124 
SPM N14    N  N N 125 
SPM HN11   H  N N 126 
SPM HN12   H  N N 127 
SPM H21    H  N N 128 
SPM H22    H  N N 129 
SPM H31    H  N N 130 
SPM H32    H  N N 131 
SPM H41    H  N N 132 
SPM H42    H  N N 133 
SPM HN5    H  N N 134 
SPM H61    H  N N 135 
SPM H62    H  N N 136 
SPM H71    H  N N 137 
SPM H72    H  N N 138 
SPM H81    H  N N 139 
SPM H82    H  N N 140 
SPM H91    H  N N 141 
SPM H92    H  N N 142 
SPM HN0    H  N N 143 
SPM H111   H  N N 144 
SPM H112   H  N N 145 
SPM H121   H  N N 146 
SPM H122   H  N N 147 
SPM H131   H  N N 148 
SPM H132   H  N N 149 
SPM HN41   H  N N 150 
SPM HN42   H  N N 151 
TLC P      P  N N 152 
TLC OP1    O  N N 153 
TLC OP2    O  N N 154 
TLC OP3    O  N N 155 
TLC "O5'"  O  N N 156 
TLC "C5'"  C  N N 157 
TLC "C4'"  C  N R 158 
TLC "O4'"  O  N N 159 
TLC "C1'"  C  N R 160 
TLC N1     N  N N 161 
TLC C6     C  N N 162 
TLC C2     C  N N 163 
TLC O2     O  N N 164 
TLC N3     N  N N 165 
TLC C4     C  N N 166 
TLC O4     O  N N 167 
TLC C5     C  N N 168 
TLC C5M    C  N N 169 
TLC "C2'"  C  N S 170 
TLC O2L    O  N N 171 
TLC C3L    C  N N 172 
TLC C2L    C  N N 173 
TLC "C3'"  C  N R 174 
TLC "O3'"  O  N N 175 
TLC HOP2   H  N N 176 
TLC HOP3   H  N N 177 
TLC "H5'"  H  N N 178 
TLC "H5''" H  N N 179 
TLC "H4'"  H  N N 180 
TLC "H1'"  H  N N 181 
TLC H6     H  N N 182 
TLC HN3    H  N N 183 
TLC H71    H  N N 184 
TLC H72    H  N N 185 
TLC H73    H  N N 186 
TLC "H2'"  H  N N 187 
TLC H3L1   H  N N 188 
TLC H3L2   H  N N 189 
TLC H2L1   H  N N 190 
TLC H2L2   H  N N 191 
TLC "HO3'" H  N N 192 
# 
loop_
_chem_comp_bond.comp_id 
_chem_comp_bond.atom_id_1 
_chem_comp_bond.atom_id_2 
_chem_comp_bond.value_order 
_chem_comp_bond.pdbx_aromatic_flag 
_chem_comp_bond.pdbx_stereo_config 
_chem_comp_bond.pdbx_ordinal 
DA  OP3   P      sing N N 1   
DA  OP3   HOP3   sing N N 2   
DA  P     OP1    doub N N 3   
DA  P     OP2    sing N N 4   
DA  P     "O5'"  sing N N 5   
DA  OP2   HOP2   sing N N 6   
DA  "O5'" "C5'"  sing N N 7   
DA  "C5'" "C4'"  sing N N 8   
DA  "C5'" "H5'"  sing N N 9   
DA  "C5'" "H5''" sing N N 10  
DA  "C4'" "O4'"  sing N N 11  
DA  "C4'" "C3'"  sing N N 12  
DA  "C4'" "H4'"  sing N N 13  
DA  "O4'" "C1'"  sing N N 14  
DA  "C3'" "O3'"  sing N N 15  
DA  "C3'" "C2'"  sing N N 16  
DA  "C3'" "H3'"  sing N N 17  
DA  "O3'" "HO3'" sing N N 18  
DA  "C2'" "C1'"  sing N N 19  
DA  "C2'" "H2'"  sing N N 20  
DA  "C2'" "H2''" sing N N 21  
DA  "C1'" N9     sing N N 22  
DA  "C1'" "H1'"  sing N N 23  
DA  N9    C8     sing Y N 24  
DA  N9    C4     sing Y N 25  
DA  C8    N7     doub Y N 26  
DA  C8    H8     sing N N 27  
DA  N7    C5     sing Y N 28  
DA  C5    C6     sing Y N 29  
DA  C5    C4     doub Y N 30  
DA  C6    N6     sing N N 31  
DA  C6    N1     doub Y N 32  
DA  N6    H61    sing N N 33  
DA  N6    H62    sing N N 34  
DA  N1    C2     sing Y N 35  
DA  C2    N3     doub Y N 36  
DA  C2    H2     sing N N 37  
DA  N3    C4     sing Y N 38  
DC  OP3   P      sing N N 39  
DC  OP3   HOP3   sing N N 40  
DC  P     OP1    doub N N 41  
DC  P     OP2    sing N N 42  
DC  P     "O5'"  sing N N 43  
DC  OP2   HOP2   sing N N 44  
DC  "O5'" "C5'"  sing N N 45  
DC  "C5'" "C4'"  sing N N 46  
DC  "C5'" "H5'"  sing N N 47  
DC  "C5'" "H5''" sing N N 48  
DC  "C4'" "O4'"  sing N N 49  
DC  "C4'" "C3'"  sing N N 50  
DC  "C4'" "H4'"  sing N N 51  
DC  "O4'" "C1'"  sing N N 52  
DC  "C3'" "O3'"  sing N N 53  
DC  "C3'" "C2'"  sing N N 54  
DC  "C3'" "H3'"  sing N N 55  
DC  "O3'" "HO3'" sing N N 56  
DC  "C2'" "C1'"  sing N N 57  
DC  "C2'" "H2'"  sing N N 58  
DC  "C2'" "H2''" sing N N 59  
DC  "C1'" N1     sing N N 60  
DC  "C1'" "H1'"  sing N N 61  
DC  N1    C2     sing N N 62  
DC  N1    C6     sing N N 63  
DC  C2    O2     doub N N 64  
DC  C2    N3     sing N N 65  
DC  N3    C4     doub N N 66  
DC  C4    N4     sing N N 67  
DC  C4    C5     sing N N 68  
DC  N4    H41    sing N N 69  
DC  N4    H42    sing N N 70  
DC  C5    C6     doub N N 71  
DC  C5    H5     sing N N 72  
DC  C6    H6     sing N N 73  
DG  OP3   P      sing N N 74  
DG  OP3   HOP3   sing N N 75  
DG  P     OP1    doub N N 76  
DG  P     OP2    sing N N 77  
DG  P     "O5'"  sing N N 78  
DG  OP2   HOP2   sing N N 79  
DG  "O5'" "C5'"  sing N N 80  
DG  "C5'" "C4'"  sing N N 81  
DG  "C5'" "H5'"  sing N N 82  
DG  "C5'" "H5''" sing N N 83  
DG  "C4'" "O4'"  sing N N 84  
DG  "C4'" "C3'"  sing N N 85  
DG  "C4'" "H4'"  sing N N 86  
DG  "O4'" "C1'"  sing N N 87  
DG  "C3'" "O3'"  sing N N 88  
DG  "C3'" "C2'"  sing N N 89  
DG  "C3'" "H3'"  sing N N 90  
DG  "O3'" "HO3'" sing N N 91  
DG  "C2'" "C1'"  sing N N 92  
DG  "C2'" "H2'"  sing N N 93  
DG  "C2'" "H2''" sing N N 94  
DG  "C1'" N9     sing N N 95  
DG  "C1'" "H1'"  sing N N 96  
DG  N9    C8     sing Y N 97  
DG  N9    C4     sing Y N 98  
DG  C8    N7     doub Y N 99  
DG  C8    H8     sing N N 100 
DG  N7    C5     sing Y N 101 
DG  C5    C6     sing N N 102 
DG  C5    C4     doub Y N 103 
DG  C6    O6     doub N N 104 
DG  C6    N1     sing N N 105 
DG  N1    C2     sing N N 106 
DG  N1    H1     sing N N 107 
DG  C2    N2     sing N N 108 
DG  C2    N3     doub N N 109 
DG  N2    H21    sing N N 110 
DG  N2    H22    sing N N 111 
DG  N3    C4     sing N N 112 
HOH O     H1     sing N N 113 
HOH O     H2     sing N N 114 
SPM N1    C2     sing N N 115 
SPM N1    HN11   sing N N 116 
SPM N1    HN12   sing N N 117 
SPM C2    C3     sing N N 118 
SPM C2    H21    sing N N 119 
SPM C2    H22    sing N N 120 
SPM C3    C4     sing N N 121 
SPM C3    H31    sing N N 122 
SPM C3    H32    sing N N 123 
SPM C4    N5     sing N N 124 
SPM C4    H41    sing N N 125 
SPM C4    H42    sing N N 126 
SPM N5    C6     sing N N 127 
SPM N5    HN5    sing N N 128 
SPM C6    C7     sing N N 129 
SPM C6    H61    sing N N 130 
SPM C6    H62    sing N N 131 
SPM C7    C8     sing N N 132 
SPM C7    H71    sing N N 133 
SPM C7    H72    sing N N 134 
SPM C8    C9     sing N N 135 
SPM C8    H81    sing N N 136 
SPM C8    H82    sing N N 137 
SPM C9    N10    sing N N 138 
SPM C9    H91    sing N N 139 
SPM C9    H92    sing N N 140 
SPM N10   C11    sing N N 141 
SPM N10   HN0    sing N N 142 
SPM C11   C12    sing N N 143 
SPM C11   H111   sing N N 144 
SPM C11   H112   sing N N 145 
SPM C12   C13    sing N N 146 
SPM C12   H121   sing N N 147 
SPM C12   H122   sing N N 148 
SPM C13   N14    sing N N 149 
SPM C13   H131   sing N N 150 
SPM C13   H132   sing N N 151 
SPM N14   HN41   sing N N 152 
SPM N14   HN42   sing N N 153 
TLC P     OP1    doub N N 154 
TLC P     OP2    sing N N 155 
TLC P     OP3    sing N N 156 
TLC P     "O5'"  sing N N 157 
TLC OP2   HOP2   sing N N 158 
TLC OP3   HOP3   sing N N 159 
TLC "O5'" "C5'"  sing N N 160 
TLC "C5'" "C4'"  sing N N 161 
TLC "C5'" "H5'"  sing N N 162 
TLC "C5'" "H5''" sing N N 163 
TLC "C4'" "O4'"  sing N N 164 
TLC "C4'" "C3'"  sing N N 165 
TLC "C4'" "H4'"  sing N N 166 
TLC "O4'" "C1'"  sing N N 167 
TLC "C1'" N1     sing N N 168 
TLC "C1'" "C2'"  sing N N 169 
TLC "C1'" "H1'"  sing N N 170 
TLC N1    C6     sing N N 171 
TLC N1    C2     sing N N 172 
TLC C6    C5     doub N N 173 
TLC C6    H6     sing N N 174 
TLC C2    O2     doub N N 175 
TLC C2    N3     sing N N 176 
TLC N3    C4     sing N N 177 
TLC N3    HN3    sing N N 178 
TLC C4    O4     doub N N 179 
TLC C4    C5     sing N N 180 
TLC C5    C5M    sing N N 181 
TLC C5M   H71    sing N N 182 
TLC C5M   H72    sing N N 183 
TLC C5M   H73    sing N N 184 
TLC "C2'" O2L    sing N N 185 
TLC "C2'" "C3'"  sing N N 186 
TLC "C2'" "H2'"  sing N N 187 
TLC O2L   C2L    sing N N 188 
TLC C3L   C2L    sing N N 189 
TLC C3L   "C3'"  sing N N 190 
TLC C3L   H3L1   sing N N 191 
TLC C3L   H3L2   sing N N 192 
TLC C2L   H2L1   sing N N 193 
TLC C2L   H2L2   sing N N 194 
TLC "C3'" "O3'"  sing N N 195 
TLC "O3'" "HO3'" sing N N 196 
# 
loop_
_ndb_struct_conf_na.entry_id 
_ndb_struct_conf_na.feature 
1EI4 'double helix'        
1EI4 'b-form double helix' 
# 
loop_
_ndb_struct_na_base_pair.model_number 
_ndb_struct_na_base_pair.i_label_asym_id 
_ndb_struct_na_base_pair.i_label_comp_id 
_ndb_struct_na_base_pair.i_label_seq_id 
_ndb_struct_na_base_pair.i_symmetry 
_ndb_struct_na_base_pair.j_label_asym_id 
_ndb_struct_na_base_pair.j_label_comp_id 
_ndb_struct_na_base_pair.j_label_seq_id 
_ndb_struct_na_base_pair.j_symmetry 
_ndb_struct_na_base_pair.shear 
_ndb_struct_na_base_pair.stretch 
_ndb_struct_na_base_pair.stagger 
_ndb_struct_na_base_pair.buckle 
_ndb_struct_na_base_pair.propeller 
_ndb_struct_na_base_pair.opening 
_ndb_struct_na_base_pair.pair_number 
_ndb_struct_na_base_pair.pair_name 
_ndb_struct_na_base_pair.i_auth_asym_id 
_ndb_struct_na_base_pair.i_auth_seq_id 
_ndb_struct_na_base_pair.i_PDB_ins_code 
_ndb_struct_na_base_pair.j_auth_asym_id 
_ndb_struct_na_base_pair.j_auth_seq_id 
_ndb_struct_na_base_pair.j_PDB_ins_code 
_ndb_struct_na_base_pair.hbond_type_28 
_ndb_struct_na_base_pair.hbond_type_12 
1 A DC  1  1_555 B DG  12 1_555 0.234  -0.125 0.145 0.719   -4.948  -0.287 1  A_DC1:DG24_B  A 1  ? B 24 ? 19 1 
1 A DG  2  1_555 B DC  11 1_555 -0.196 -0.201 0.481 6.713   -12.269 -2.214 2  A_DG2:DC23_B  A 2  ? B 23 ? 19 1 
1 A DC  3  1_555 B DG  10 1_555 0.145  -0.222 0.221 0.133   -9.121  -0.709 3  A_DC3:DG22_B  A 3  ? B 22 ? 19 1 
1 A DG  4  1_555 B DC  9  1_555 -0.253 -0.081 0.115 13.367  -13.438 1.024  4  A_DG4:DC21_B  A 4  ? B 21 ? 19 1 
1 A DA  5  1_555 B TLC 8  1_555 0.004  -0.076 0.112 6.207   -15.814 1.079  5  A_DA5:TLC20_B A 5  ? B 20 ? 20 1 
1 A DA  6  1_555 B TLC 7  1_555 0.009  -0.115 0.335 5.354   -23.259 3.940  6  A_DA6:TLC19_B A 6  ? B 19 ? 20 1 
1 A TLC 7  1_555 B DA  6  1_555 0.045  -0.067 0.377 -6.277  -22.267 4.292  7  A_TLC7:DA18_B A 7  ? B 18 ? 20 1 
1 A TLC 8  1_555 B DA  5  1_555 -0.060 -0.169 0.118 -4.960  -12.338 1.960  8  A_TLC8:DA17_B A 8  ? B 17 ? 20 1 
1 A DC  9  1_555 B DG  4  1_555 0.198  -0.113 0.077 -12.168 -10.113 -0.381 9  A_DC9:DG16_B  A 9  ? B 16 ? 19 1 
1 A DG  10 1_555 B DC  3  1_555 -0.143 -0.123 0.224 4.791   -6.114  1.974  10 A_DG10:DC15_B A 10 ? B 15 ? 19 1 
1 A DC  11 1_555 B DG  2  1_555 0.153  -0.169 0.162 3.191   -19.245 -2.167 11 A_DC11:DG14_B A 11 ? B 14 ? 19 1 
1 A DG  12 1_555 B DC  1  1_555 -0.063 -0.001 0.223 3.265   -12.650 0.064  12 A_DG12:DC13_B A 12 ? B 13 ? 19 1 
# 
loop_
_ndb_struct_na_base_pair_step.model_number 
_ndb_struct_na_base_pair_step.i_label_asym_id_1 
_ndb_struct_na_base_pair_step.i_label_comp_id_1 
_ndb_struct_na_base_pair_step.i_label_seq_id_1 
_ndb_struct_na_base_pair_step.i_symmetry_1 
_ndb_struct_na_base_pair_step.j_label_asym_id_1 
_ndb_struct_na_base_pair_step.j_label_comp_id_1 
_ndb_struct_na_base_pair_step.j_label_seq_id_1 
_ndb_struct_na_base_pair_step.j_symmetry_1 
_ndb_struct_na_base_pair_step.i_label_asym_id_2 
_ndb_struct_na_base_pair_step.i_label_comp_id_2 
_ndb_struct_na_base_pair_step.i_label_seq_id_2 
_ndb_struct_na_base_pair_step.i_symmetry_2 
_ndb_struct_na_base_pair_step.j_label_asym_id_2 
_ndb_struct_na_base_pair_step.j_label_comp_id_2 
_ndb_struct_na_base_pair_step.j_label_seq_id_2 
_ndb_struct_na_base_pair_step.j_symmetry_2 
_ndb_struct_na_base_pair_step.shift 
_ndb_struct_na_base_pair_step.slide 
_ndb_struct_na_base_pair_step.rise 
_ndb_struct_na_base_pair_step.tilt 
_ndb_struct_na_base_pair_step.roll 
_ndb_struct_na_base_pair_step.twist 
_ndb_struct_na_base_pair_step.x_displacement 
_ndb_struct_na_base_pair_step.y_displacement 
_ndb_struct_na_base_pair_step.helical_rise 
_ndb_struct_na_base_pair_step.inclination 
_ndb_struct_na_base_pair_step.tip 
_ndb_struct_na_base_pair_step.helical_twist 
_ndb_struct_na_base_pair_step.step_number 
_ndb_struct_na_base_pair_step.step_name 
_ndb_struct_na_base_pair_step.i_auth_asym_id_1 
_ndb_struct_na_base_pair_step.i_auth_seq_id_1 
_ndb_struct_na_base_pair_step.i_PDB_ins_code_1 
_ndb_struct_na_base_pair_step.j_auth_asym_id_1 
_ndb_struct_na_base_pair_step.j_auth_seq_id_1 
_ndb_struct_na_base_pair_step.j_PDB_ins_code_1 
_ndb_struct_na_base_pair_step.i_auth_asym_id_2 
_ndb_struct_na_base_pair_step.i_auth_seq_id_2 
_ndb_struct_na_base_pair_step.i_PDB_ins_code_2 
_ndb_struct_na_base_pair_step.j_auth_asym_id_2 
_ndb_struct_na_base_pair_step.j_auth_seq_id_2 
_ndb_struct_na_base_pair_step.j_PDB_ins_code_2 
1 A DC  1  1_555 B DG  12 1_555 A DG  2  1_555 B DC  11 1_555 -0.378 0.229  3.220 -4.066 -1.325 36.665 0.538  0.053  3.232 -2.097  
6.437  36.905 1  AA_DC1DG2:DC23DG24_BB   A 1  ? B 24 ? A 2  ? B 23 ? 
1 A DG  2  1_555 B DC  11 1_555 A DC  3  1_555 B DG  10 1_555 0.589  0.478  3.513 4.028  -6.893 41.940 1.399  -0.375 3.436 -9.526  
-5.567 42.659 2  AA_DG2DC3:DG22DC23_BB   A 2  ? B 23 ? A 3  ? B 22 ? 
1 A DC  3  1_555 B DG  10 1_555 A DG  4  1_555 B DC  9  1_555 -0.395 0.597  3.027 2.093  8.822  26.396 -0.764 1.296  3.025 18.634  
-4.421 27.884 3  AA_DC3DG4:DC21DG22_BB   A 3  ? B 22 ? A 4  ? B 21 ? 
1 A DG  4  1_555 B DC  9  1_555 A DA  5  1_555 B TLC 8  1_555 0.197  -0.225 3.381 -0.817 0.652  38.944 -0.419 -0.397 3.372 0.978   
1.225  38.958 4  AA_DG4DA5:TLC20DC21_BB  A 4  ? B 21 ? A 5  ? B 20 ? 
1 A DA  5  1_555 B TLC 8  1_555 A DA  6  1_555 B TLC 7  1_555 0.003  -0.474 3.180 -2.830 0.859  36.529 -0.868 -0.382 3.159 1.367   
4.506  36.644 5  AA_DA5DA6:TLC19TLC20_BB A 5  ? B 20 ? A 6  ? B 19 ? 
1 A DA  6  1_555 B TLC 7  1_555 A TLC 7  1_555 B DA  6  1_555 0.186  -0.836 3.467 0.353  -1.707 30.462 -1.227 -0.279 3.510 -3.246  
-0.671 30.511 6  AA_DA6TLC7:DA18TLC19_BB A 6  ? B 19 ? A 7  ? B 18 ? 
1 A TLC 7  1_555 B DA  6  1_555 A TLC 8  1_555 B DA  5  1_555 -0.074 -0.559 3.179 3.561  -0.289 33.081 -0.930 0.707  3.159 -0.506  
-6.231 33.268 7  AA_TLC7TLC8:DA17DA18_BB A 7  ? B 18 ? A 8  ? B 17 ? 
1 A TLC 8  1_555 B DA  5  1_555 A DC  9  1_555 B DG  4  1_555 -0.223 -0.240 3.407 1.247  -3.524 43.145 0.033  0.429  3.408 -4.782  
-1.692 43.299 8  AA_TLC8DC9:DG16DA17_BB  A 8  ? B 17 ? A 9  ? B 16 ? 
1 A DC  9  1_555 B DG  4  1_555 A DG  10 1_555 B DC  3  1_555 0.655  0.819  2.972 -2.830 3.757  26.028 0.876  -2.120 2.972 8.257   
6.218  26.442 9  AA_DC9DG10:DC15DG16_BB  A 9  ? B 16 ? A 10 ? B 15 ? 
1 A DG  10 1_555 B DC  3  1_555 A DC  11 1_555 B DG  2  1_555 -1.273 0.588  3.391 -1.696 -9.897 42.229 1.784  1.554  3.227 -13.508 
2.315  43.354 10 AA_DG10DC11:DG14DC15_BB A 10 ? B 15 ? A 11 ? B 14 ? 
1 A DC  11 1_555 B DG  2  1_555 A DG  12 1_555 B DC  1  1_555 0.193  0.442  3.272 -0.032 7.468  33.789 -0.427 -0.330 3.292 12.658  
0.054  34.582 11 AA_DC11DG12:DC13DG14_BB A 11 ? B 14 ? A 12 ? B 13 ? 
# 
_atom_sites.entry_id                    1EI4 
_atom_sites.fract_transf_matrix[1][1]   0.02512549 
_atom_sites.fract_transf_matrix[1][2]   0.01919603 
_atom_sites.fract_transf_matrix[1][3]   -0.02376927 
_atom_sites.fract_transf_matrix[2][1]   0.01877760 
_atom_sites.fract_transf_matrix[2][2]   -0.00648416 
_atom_sites.fract_transf_matrix[2][3]   0.01461240 
_atom_sites.fract_transf_matrix[3][1]   0.00198909 
_atom_sites.fract_transf_matrix[3][2]   -0.01280357 
_atom_sites.fract_transf_matrix[3][3]   -0.00823757 
_atom_sites.fract_transf_vector[1]      0.430060 
_atom_sites.fract_transf_vector[2]      0.030152 
_atom_sites.fract_transf_vector[3]      0.375393 
# 
loop_
_atom_type.symbol 
C  
MG 
N  
O  
P  
# 
loop_
_atom_site.group_PDB 
_atom_site.id 
_atom_site.type_symbol 
_atom_site.label_atom_id 
_atom_site.label_alt_id 
_atom_site.label_comp_id 
_atom_site.label_asym_id 
_atom_site.label_entity_id 
_atom_site.label_seq_id 
_atom_site.pdbx_PDB_ins_code 
_atom_site.Cartn_x 
_atom_site.Cartn_y 
_atom_site.Cartn_z 
_atom_site.occupancy 
_atom_site.B_iso_or_equiv 
_atom_site.pdbx_formal_charge 
_atom_site.auth_seq_id 
_atom_site.auth_comp_id 
_atom_site.auth_asym_id 
_atom_site.auth_atom_id 
_atom_site.pdbx_PDB_model_num 
ATOM   1   O  "O5'" . DC  A 1 1  ? 5.015   7.281   17.361  1.00 26.75 ? 1   DC  A "O5'" 1 
ATOM   2   C  "C5'" . DC  A 1 1  ? 4.288   6.942   18.561  1.00 22.02 ? 1   DC  A "C5'" 1 
ATOM   3   C  "C4'" . DC  A 1 1  ? 2.819   6.705   18.284  1.00 27.24 ? 1   DC  A "C4'" 1 
ATOM   4   O  "O4'" . DC  A 1 1  ? 2.227   7.915   17.745  1.00 21.90 ? 1   DC  A "O4'" 1 
ATOM   5   C  "C3'" . DC  A 1 1  ? 2.559   5.613   17.251  1.00 29.49 ? 1   DC  A "C3'" 1 
ATOM   6   O  "O3'" . DC  A 1 1  ? 1.397   4.873   17.622  1.00 34.76 ? 1   DC  A "O3'" 1 
ATOM   7   C  "C2'" . DC  A 1 1  ? 2.298   6.383   15.971  1.00 26.05 ? 1   DC  A "C2'" 1 
ATOM   8   C  "C1'" . DC  A 1 1  ? 1.660   7.673   16.461  1.00 23.08 ? 1   DC  A "C1'" 1 
ATOM   9   N  N1    . DC  A 1 1  ? 1.937   8.857   15.621  1.00 24.73 ? 1   DC  A N1    1 
ATOM   10  C  C2    . DC  A 1 1  ? 0.856   9.639   15.163  1.00 20.78 ? 1   DC  A C2    1 
ATOM   11  O  O2    . DC  A 1 1  ? -0.292  9.308   15.466  1.00 23.02 ? 1   DC  A O2    1 
ATOM   12  N  N3    . DC  A 1 1  ? 1.103   10.726  14.408  1.00 22.32 ? 1   DC  A N3    1 
ATOM   13  C  C4    . DC  A 1 1  ? 2.354   11.049  14.092  1.00 25.23 ? 1   DC  A C4    1 
ATOM   14  N  N4    . DC  A 1 1  ? 2.540   12.133  13.347  1.00 26.53 ? 1   DC  A N4    1 
ATOM   15  C  C5    . DC  A 1 1  ? 3.473   10.272  14.533  1.00 28.48 ? 1   DC  A C5    1 
ATOM   16  C  C6    . DC  A 1 1  ? 3.218   9.196   15.289  1.00 26.16 ? 1   DC  A C6    1 
ATOM   17  P  P     . DG  A 1 2  ? 1.095   3.463   16.914  1.00 37.54 ? 2   DG  A P     1 
ATOM   18  O  OP1   . DG  A 1 2  ? 1.079   2.416   17.966  1.00 40.29 ? 2   DG  A OP1   1 
ATOM   19  O  OP2   . DG  A 1 2  ? 1.952   3.291   15.703  1.00 33.75 ? 2   DG  A OP2   1 
ATOM   20  O  "O5'" . DG  A 1 2  ? -0.393  3.650   16.395  1.00 34.98 ? 2   DG  A "O5'" 1 
ATOM   21  C  "C5'" . DG  A 1 2  ? -1.387  4.220   17.236  1.00 32.93 ? 2   DG  A "C5'" 1 
ATOM   22  C  "C4'" . DG  A 1 2  ? -2.574  4.620   16.403  1.00 30.51 ? 2   DG  A "C4'" 1 
ATOM   23  O  "O4'" . DG  A 1 2  ? -2.276  5.829   15.653  1.00 31.75 ? 2   DG  A "O4'" 1 
ATOM   24  C  "C3'" . DG  A 1 2  ? -2.953  3.552   15.377  1.00 29.63 ? 2   DG  A "C3'" 1 
ATOM   25  O  "O3'" . DG  A 1 2  ? -4.365  3.369   15.366  1.00 30.48 ? 2   DG  A "O3'" 1 
ATOM   26  C  "C2'" . DG  A 1 2  ? -2.421  4.106   14.064  1.00 27.56 ? 2   DG  A "C2'" 1 
ATOM   27  C  "C1'" . DG  A 1 2  ? -2.473  5.618   14.261  1.00 26.52 ? 2   DG  A "C1'" 1 
ATOM   28  N  N9    . DG  A 1 2  ? -1.412  6.339   13.551  1.00 21.97 ? 2   DG  A N9    1 
ATOM   29  C  C8    . DG  A 1 2  ? -0.073  6.021   13.531  1.00 21.83 ? 2   DG  A C8    1 
ATOM   30  N  N7    . DG  A 1 2  ? 0.647   6.864   12.830  1.00 19.75 ? 2   DG  A N7    1 
ATOM   31  C  C5    . DG  A 1 2  ? -0.270  7.792   12.361  1.00 18.46 ? 2   DG  A C5    1 
ATOM   32  C  C6    . DG  A 1 2  ? -0.085  8.946   11.553  1.00 20.05 ? 2   DG  A C6    1 
ATOM   33  O  O6    . DG  A 1 2  ? 0.967   9.403   11.102  1.00 18.76 ? 2   DG  A O6    1 
ATOM   34  N  N1    . DG  A 1 2  ? -1.287  9.592   11.289  1.00 18.48 ? 2   DG  A N1    1 
ATOM   35  C  C2    . DG  A 1 2  ? -2.517  9.187   11.743  1.00 19.17 ? 2   DG  A C2    1 
ATOM   36  N  N2    . DG  A 1 2  ? -3.550  9.928   11.358  1.00 16.77 ? 2   DG  A N2    1 
ATOM   37  N  N3    . DG  A 1 2  ? -2.705  8.124   12.520  1.00 17.61 ? 2   DG  A N3    1 
ATOM   38  C  C4    . DG  A 1 2  ? -1.550  7.478   12.784  1.00 21.13 ? 2   DG  A C4    1 
ATOM   39  P  P     . DC  A 1 3  ? -5.007  2.132   14.577  1.00 31.40 ? 3   DC  A P     1 
ATOM   40  O  OP1   . DC  A 1 3  ? -6.093  1.603   15.453  1.00 36.86 ? 3   DC  A OP1   1 
ATOM   41  O  OP2   . DC  A 1 3  ? -3.954  1.225   14.074  1.00 37.46 ? 3   DC  A OP2   1 
ATOM   42  O  "O5'" . DC  A 1 3  ? -5.658  2.833   13.305  1.00 28.04 ? 3   DC  A "O5'" 1 
ATOM   43  C  "C5'" . DC  A 1 3  ? -6.653  3.854   13.469  1.00 25.17 ? 3   DC  A "C5'" 1 
ATOM   44  C  "C4'" . DC  A 1 3  ? -6.737  4.690   12.218  1.00 17.10 ? 3   DC  A "C4'" 1 
ATOM   45  O  "O4'" . DC  A 1 3  ? -5.490  5.380   12.042  1.00 18.57 ? 3   DC  A "O4'" 1 
ATOM   46  C  "C3'" . DC  A 1 3  ? -6.919  3.900   10.930  1.00 22.73 ? 3   DC  A "C3'" 1 
ATOM   47  O  "O3'" . DC  A 1 3  ? -8.308  3.796   10.670  1.00 22.97 ? 3   DC  A "O3'" 1 
ATOM   48  C  "C2'" . DC  A 1 3  ? -6.317  4.819   9.884   1.00 21.68 ? 3   DC  A "C2'" 1 
ATOM   49  C  "C1'" . DC  A 1 3  ? -5.326  5.673   10.662  1.00 21.70 ? 3   DC  A "C1'" 1 
ATOM   50  N  N1    . DC  A 1 3  ? -3.920  5.482   10.342  1.00 18.31 ? 3   DC  A N1    1 
ATOM   51  C  C2    . DC  A 1 3  ? -3.268  6.480   9.617   1.00 15.10 ? 3   DC  A C2    1 
ATOM   52  O  O2    . DC  A 1 3  ? -3.942  7.416   9.188   1.00 16.81 ? 3   DC  A O2    1 
ATOM   53  N  N3    . DC  A 1 3  ? -1.927  6.381   9.415   1.00 17.03 ? 3   DC  A N3    1 
ATOM   54  C  C4    . DC  A 1 3  ? -1.259  5.319   9.872   1.00 18.67 ? 3   DC  A C4    1 
ATOM   55  N  N4    . DC  A 1 3  ? 0.064   5.267   9.678   1.00 18.27 ? 3   DC  A N4    1 
ATOM   56  C  C5    . DC  A 1 3  ? -1.918  4.252   10.563  1.00 19.43 ? 3   DC  A C5    1 
ATOM   57  C  C6    . DC  A 1 3  ? -3.238  4.376   10.772  1.00 18.96 ? 3   DC  A C6    1 
ATOM   58  P  P     . DG  A 1 4  ? -8.831  2.912   9.436   1.00 27.94 ? 4   DG  A P     1 
ATOM   59  O  OP1   . DG  A 1 4  ? -10.243 2.561   9.783   1.00 30.80 ? 4   DG  A OP1   1 
ATOM   60  O  OP2   . DG  A 1 4  ? -7.855  1.838   9.135   1.00 27.53 ? 4   DG  A OP2   1 
ATOM   61  O  "O5'" . DG  A 1 4  ? -8.833  3.896   8.184   1.00 22.79 ? 4   DG  A "O5'" 1 
ATOM   62  C  "C5'" . DG  A 1 4  ? -9.511  5.140   8.218   1.00 22.76 ? 4   DG  A "C5'" 1 
ATOM   63  C  "C4'" . DG  A 1 4  ? -9.200  5.908   6.960   1.00 25.50 ? 4   DG  A "C4'" 1 
ATOM   64  O  "O4'" . DG  A 1 4  ? -7.779  6.175   6.929   1.00 21.35 ? 4   DG  A "O4'" 1 
ATOM   65  C  "C3'" . DG  A 1 4  ? -9.516  5.143   5.673   1.00 25.98 ? 4   DG  A "C3'" 1 
ATOM   66  O  "O3'" . DG  A 1 4  ? -10.032 6.063   4.715   1.00 31.07 ? 4   DG  A "O3'" 1 
ATOM   67  C  "C2'" . DG  A 1 4  ? -8.167  4.592   5.239   1.00 23.52 ? 4   DG  A "C2'" 1 
ATOM   68  C  "C1'" . DG  A 1 4  ? -7.185  5.631   5.756   1.00 20.54 ? 4   DG  A "C1'" 1 
ATOM   69  N  N9    . DG  A 1 4  ? -5.885  5.074   6.131   1.00 19.53 ? 4   DG  A N9    1 
ATOM   70  C  C8    . DG  A 1 4  ? -5.641  3.881   6.762   1.00 17.67 ? 4   DG  A C8    1 
ATOM   71  N  N7    . DG  A 1 4  ? -4.375  3.648   6.969   1.00 19.45 ? 4   DG  A N7    1 
ATOM   72  C  C5    . DG  A 1 4  ? -3.731  4.762   6.442   1.00 16.89 ? 4   DG  A C5    1 
ATOM   73  C  C6    . DG  A 1 4  ? -2.341  5.080   6.376   1.00 17.42 ? 4   DG  A C6    1 
ATOM   74  O  O6    . DG  A 1 4  ? -1.372  4.432   6.793   1.00 18.19 ? 4   DG  A O6    1 
ATOM   75  N  N1    . DG  A 1 4  ? -2.136  6.297   5.740   1.00 17.97 ? 4   DG  A N1    1 
ATOM   76  C  C2    . DG  A 1 4  ? -3.123  7.099   5.231   1.00 18.65 ? 4   DG  A C2    1 
ATOM   77  N  N2    . DG  A 1 4  ? -2.713  8.222   4.604   1.00 20.42 ? 4   DG  A N2    1 
ATOM   78  N  N3    . DG  A 1 4  ? -4.422  6.828   5.309   1.00 18.69 ? 4   DG  A N3    1 
ATOM   79  C  C4    . DG  A 1 4  ? -4.645  5.652   5.917   1.00 15.97 ? 4   DG  A C4    1 
ATOM   80  P  P     . DA  A 1 5  ? -10.343 5.575   3.216   1.00 31.97 ? 5   DA  A P     1 
ATOM   81  O  OP1   . DA  A 1 5  ? -11.554 6.304   2.804   1.00 36.52 ? 5   DA  A OP1   1 
ATOM   82  O  OP2   . DA  A 1 5  ? -10.297 4.106   3.116   1.00 32.58 ? 5   DA  A OP2   1 
ATOM   83  O  "O5'" . DA  A 1 5  ? -9.121  6.177   2.402   1.00 28.95 ? 5   DA  A "O5'" 1 
ATOM   84  C  "C5'" . DA  A 1 5  ? -8.867  7.576   2.466   1.00 20.29 ? 5   DA  A "C5'" 1 
ATOM   85  C  "C4'" . DA  A 1 5  ? -7.604  7.924   1.716   1.00 20.89 ? 5   DA  A "C4'" 1 
ATOM   86  O  "O4'" . DA  A 1 5  ? -6.452  7.314   2.356   1.00 23.10 ? 5   DA  A "O4'" 1 
ATOM   87  C  "C3'" . DA  A 1 5  ? -7.552  7.530   0.242   1.00 23.70 ? 5   DA  A "C3'" 1 
ATOM   88  O  "O3'" . DA  A 1 5  ? -7.089  8.672   -0.484  1.00 23.08 ? 5   DA  A "O3'" 1 
ATOM   89  C  "C2'" . DA  A 1 5  ? -6.566  6.367   0.216   1.00 19.64 ? 5   DA  A "C2'" 1 
ATOM   90  C  "C1'" . DA  A 1 5  ? -5.645  6.650   1.398   1.00 19.00 ? 5   DA  A "C1'" 1 
ATOM   91  N  N9    . DA  A 1 5  ? -5.053  5.478   2.061   1.00 17.85 ? 5   DA  A N9    1 
ATOM   92  C  C8    . DA  A 1 5  ? -5.704  4.399   2.612   1.00 16.00 ? 5   DA  A C8    1 
ATOM   93  N  N7    . DA  A 1 5  ? -4.910  3.528   3.171   1.00 16.35 ? 5   DA  A N7    1 
ATOM   94  C  C5    . DA  A 1 5  ? -3.643  4.068   2.990   1.00 15.73 ? 5   DA  A C5    1 
ATOM   95  C  C6    . DA  A 1 5  ? -2.358  3.632   3.387   1.00 14.46 ? 5   DA  A C6    1 
ATOM   96  N  N6    . DA  A 1 5  ? -2.106  2.523   4.092   1.00 16.08 ? 5   DA  A N6    1 
ATOM   97  N  N1    . DA  A 1 5  ? -1.299  4.395   3.023   1.00 15.02 ? 5   DA  A N1    1 
ATOM   98  C  C2    . DA  A 1 5  ? -1.527  5.509   2.333   1.00 17.11 ? 5   DA  A C2    1 
ATOM   99  N  N3    . DA  A 1 5  ? -2.684  6.031   1.920   1.00 17.41 ? 5   DA  A N3    1 
ATOM   100 C  C4    . DA  A 1 5  ? -3.717  5.254   2.283   1.00 16.41 ? 5   DA  A C4    1 
ATOM   101 P  P     . DA  A 1 6  ? -6.920  8.617   -2.089  1.00 23.25 ? 6   DA  A P     1 
ATOM   102 O  OP1   . DA  A 1 6  ? -7.134  10.009  -2.560  1.00 25.43 ? 6   DA  A OP1   1 
ATOM   103 O  OP2   . DA  A 1 6  ? -7.711  7.524   -2.657  1.00 21.65 ? 6   DA  A OP2   1 
ATOM   104 O  "O5'" . DA  A 1 6  ? -5.381  8.261   -2.279  1.00 21.76 ? 6   DA  A "O5'" 1 
ATOM   105 C  "C5'" . DA  A 1 6  ? -4.403  9.068   -1.678  1.00 19.74 ? 6   DA  A "C5'" 1 
ATOM   106 C  "C4'" . DA  A 1 6  ? -3.024  8.545   -1.995  1.00 23.71 ? 6   DA  A "C4'" 1 
ATOM   107 O  "O4'" . DA  A 1 6  ? -2.708  7.376   -1.203  1.00 20.25 ? 6   DA  A "O4'" 1 
ATOM   108 C  "C3'" . DA  A 1 6  ? -2.755  8.171   -3.450  1.00 23.23 ? 6   DA  A "C3'" 1 
ATOM   109 O  "O3'" . DA  A 1 6  ? -1.513  8.786   -3.798  1.00 24.26 ? 6   DA  A "O3'" 1 
ATOM   110 C  "C2'" . DA  A 1 6  ? -2.687  6.642   -3.428  1.00 19.64 ? 6   DA  A "C2'" 1 
ATOM   111 C  "C1'" . DA  A 1 6  ? -2.152  6.357   -2.027  1.00 18.55 ? 6   DA  A "C1'" 1 
ATOM   112 N  N9    . DA  A 1 6  ? -2.514  5.069   -1.433  1.00 16.80 ? 6   DA  A N9    1 
ATOM   113 C  C8    . DA  A 1 6  ? -3.757  4.504   -1.314  1.00 16.76 ? 6   DA  A C8    1 
ATOM   114 N  N7    . DA  A 1 6  ? -3.764  3.383   -0.641  1.00 17.23 ? 6   DA  A N7    1 
ATOM   115 C  C5    . DA  A 1 6  ? -2.432  3.181   -0.316  1.00 15.18 ? 6   DA  A C5    1 
ATOM   116 C  C6    . DA  A 1 6  ? -1.786  2.174   0.417   1.00 14.81 ? 6   DA  A C6    1 
ATOM   117 N  N6    . DA  A 1 6  ? -2.435  1.153   0.995   1.00 16.43 ? 6   DA  A N6    1 
ATOM   118 N  N1    . DA  A 1 6  ? -0.445  2.257   0.558   1.00 14.42 ? 6   DA  A N1    1 
ATOM   119 C  C2    . DA  A 1 6  ? 0.193   3.311   0.010   1.00 17.10 ? 6   DA  A C2    1 
ATOM   120 N  N3    . DA  A 1 6  ? -0.308  4.328   -0.674  1.00 16.83 ? 6   DA  A N3    1 
ATOM   121 C  C4    . DA  A 1 6  ? -1.644  4.198   -0.815  1.00 16.16 ? 6   DA  A C4    1 
HETATM 122 P  P     . TLC A 1 7  ? -1.009  8.763   -5.315  1.00 27.99 ? 7   TLC A P     1 
HETATM 123 O  OP1   . TLC A 1 7  ? -0.180  9.965   -5.588  1.00 31.16 ? 7   TLC A OP1   1 
HETATM 124 O  OP2   . TLC A 1 7  ? -2.148  8.442   -6.144  1.00 21.32 ? 7   TLC A OP2   1 
HETATM 125 O  "O5'" . TLC A 1 7  ? -0.094  7.466   -5.365  1.00 22.22 ? 7   TLC A "O5'" 1 
HETATM 126 C  "C5'" . TLC A 1 7  ? 1.048   7.383   -4.540  1.00 21.75 ? 7   TLC A "C5'" 1 
HETATM 127 C  "C4'" . TLC A 1 7  ? 1.471   5.961   -4.399  1.00 18.59 ? 7   TLC A "C4'" 1 
HETATM 128 O  "O4'" . TLC A 1 7  ? 0.403   5.114   -3.918  1.00 17.93 ? 7   TLC A "O4'" 1 
HETATM 129 C  "C1'" . TLC A 1 7  ? 0.967   3.831   -3.928  1.00 15.37 ? 7   TLC A "C1'" 1 
HETATM 130 N  N1    . TLC A 1 7  ? -0.074  2.825   -3.653  1.00 15.31 ? 7   TLC A N1    1 
HETATM 131 C  C6    . TLC A 1 7  ? -1.385  2.994   -4.037  1.00 13.86 ? 7   TLC A C6    1 
HETATM 132 C  C2    . TLC A 1 7  ? 0.329   1.703   -2.966  1.00 13.63 ? 7   TLC A C2    1 
HETATM 133 O  O2    . TLC A 1 7  ? 1.485   1.458   -2.695  1.00 15.40 ? 7   TLC A O2    1 
HETATM 134 N  N3    . TLC A 1 7  ? -0.682  0.851   -2.613  1.00 14.93 ? 7   TLC A N3    1 
HETATM 135 C  C4    . TLC A 1 7  ? -2.015  0.986   -2.905  1.00 16.30 ? 7   TLC A C4    1 
HETATM 136 O  O4    . TLC A 1 7  ? -2.803  0.178   -2.450  1.00 17.07 ? 7   TLC A O4    1 
HETATM 137 C  C5    . TLC A 1 7  ? -2.360  2.133   -3.723  1.00 14.71 ? 7   TLC A C5    1 
HETATM 138 C  C5M   . TLC A 1 7  ? -3.768  2.312   -4.186  1.00 16.58 ? 7   TLC A C5M   1 
HETATM 139 C  "C2'" . TLC A 1 7  ? 1.718   3.732   -5.270  1.00 16.57 ? 7   TLC A "C2'" 1 
HETATM 140 O  O2L   . TLC A 1 7  ? 0.827   3.149   -6.162  1.00 17.09 ? 7   TLC A O2L   1 
HETATM 141 C  C3L   . TLC A 1 7  ? 1.212   5.406   -6.926  1.00 19.63 ? 7   TLC A C3L   1 
HETATM 142 C  C2L   . TLC A 1 7  ? 0.787   4.078   -7.325  1.00 22.82 ? 7   TLC A C2L   1 
HETATM 143 C  "C3'" . TLC A 1 7  ? 1.996   5.212   -5.622  1.00 19.01 ? 7   TLC A "C3'" 1 
HETATM 144 O  "O3'" . TLC A 1 7  ? 3.389   5.550   -5.609  1.00 22.78 ? 7   TLC A "O3'" 1 
HETATM 145 P  P     . TLC A 1 8  ? 4.375   5.131   -6.806  1.00 24.79 ? 8   TLC A P     1 
HETATM 146 O  OP1   . TLC A 1 8  ? 5.609   5.790   -6.344  1.00 27.34 ? 8   TLC A OP1   1 
HETATM 147 O  OP2   . TLC A 1 8  ? 3.865   5.395   -8.158  1.00 25.81 ? 8   TLC A OP2   1 
HETATM 148 O  "O5'" . TLC A 1 8  ? 4.534   3.553   -6.681  1.00 21.35 ? 8   TLC A "O5'" 1 
HETATM 149 C  "C5'" . TLC A 1 8  ? 5.375   2.981   -5.678  1.00 19.95 ? 8   TLC A "C5'" 1 
HETATM 150 C  "C4'" . TLC A 1 8  ? 5.184   1.488   -5.625  1.00 16.55 ? 8   TLC A "C4'" 1 
HETATM 151 O  "O4'" . TLC A 1 8  ? 3.821   1.143   -5.296  1.00 16.32 ? 8   TLC A "O4'" 1 
HETATM 152 C  "C1'" . TLC A 1 8  ? 3.716   -0.231  -5.518  1.00 18.08 ? 8   TLC A "C1'" 1 
HETATM 153 N  N1    . TLC A 1 8  ? 2.294   -0.596  -5.489  1.00 16.26 ? 8   TLC A N1    1 
HETATM 154 C  C6    . TLC A 1 8  ? 1.350   0.108   -6.218  1.00 16.25 ? 8   TLC A C6    1 
HETATM 155 C  C2    . TLC A 1 8  ? 1.937   -1.650  -4.669  1.00 14.34 ? 8   TLC A C2    1 
HETATM 156 O  O2    . TLC A 1 8  ? 2.755   -2.287  -4.042  1.00 15.77 ? 8   TLC A O2    1 
HETATM 157 N  N3    . TLC A 1 8  ? 0.586   -1.915  -4.613  1.00 14.52 ? 8   TLC A N3    1 
HETATM 158 C  C4    . TLC A 1 8  ? -0.416  -1.230  -5.291  1.00 15.18 ? 8   TLC A C4    1 
HETATM 159 O  O4    . TLC A 1 8  ? -1.590  -1.543  -5.127  1.00 15.29 ? 8   TLC A O4    1 
HETATM 160 C  C5    . TLC A 1 8  ? 0.039   -0.148  -6.157  1.00 13.80 ? 8   TLC A C5    1 
HETATM 161 C  C5M   . TLC A 1 8  ? -0.976  0.630   -6.943  1.00 16.81 ? 8   TLC A C5M   1 
HETATM 162 C  "C2'" . TLC A 1 8  ? 4.476   -0.505  -6.822  1.00 18.91 ? 8   TLC A "C2'" 1 
HETATM 163 O  O2L   . TLC A 1 8  ? 3.655   -0.230  -7.993  1.00 18.99 ? 8   TLC A O2L   1 
HETATM 164 C  C3L   . TLC A 1 8  ? 5.441   1.282   -8.242  1.00 18.65 ? 8   TLC A C3L   1 
HETATM 165 C  C2L   . TLC A 1 8  ? 3.982   1.130   -8.400  1.00 20.31 ? 8   TLC A C2L   1 
HETATM 166 C  "C3'" . TLC A 1 8  ? 5.557   0.602   -6.819  1.00 18.91 ? 8   TLC A "C3'" 1 
HETATM 167 O  "O3'" . TLC A 1 8  ? 6.923   0.191   -6.574  1.00 22.33 ? 8   TLC A "O3'" 1 
ATOM   168 P  P     . DC  A 1 9  ? 7.540   -1.163  -7.199  1.00 20.98 ? 9   DC  A P     1 
ATOM   169 O  OP1   . DC  A 1 9  ? 8.996   -1.033  -6.931  1.00 26.99 ? 9   DC  A OP1   1 
ATOM   170 O  OP2   . DC  A 1 9  ? 7.063   -1.431  -8.575  1.00 22.63 ? 9   DC  A OP2   1 
ATOM   171 O  "O5'" . DC  A 1 9  ? 6.992   -2.351  -6.297  1.00 20.50 ? 9   DC  A "O5'" 1 
ATOM   172 C  "C5'" . DC  A 1 9  ? 7.181   -2.339  -4.880  1.00 19.02 ? 9   DC  A "C5'" 1 
ATOM   173 C  "C4'" . DC  A 1 9  ? 6.828   -3.688  -4.319  1.00 20.34 ? 9   DC  A "C4'" 1 
ATOM   174 O  "O4'" . DC  A 1 9  ? 5.392   -3.905  -4.410  1.00 17.84 ? 9   DC  A "O4'" 1 
ATOM   175 C  "C3'" . DC  A 1 9  ? 7.487   -4.851  -5.052  1.00 22.59 ? 9   DC  A "C3'" 1 
ATOM   176 O  "O3'" . DC  A 1 9  ? 7.977   -5.758  -4.063  1.00 23.10 ? 9   DC  A "O3'" 1 
ATOM   177 C  "C2'" . DC  A 1 9  ? 6.357   -5.438  -5.893  1.00 16.69 ? 9   DC  A "C2'" 1 
ATOM   178 C  "C1'" . DC  A 1 9  ? 5.117   -5.131  -5.069  1.00 19.15 ? 9   DC  A "C1'" 1 
ATOM   179 N  N1    . DC  A 1 9  ? 3.876   -4.925  -5.835  1.00 17.10 ? 9   DC  A N1    1 
ATOM   180 C  C2    . DC  A 1 9  ? 2.732   -5.622  -5.452  1.00 17.69 ? 9   DC  A C2    1 
ATOM   181 O  O2    . DC  A 1 9  ? 2.840   -6.518  -4.612  1.00 16.40 ? 9   DC  A O2    1 
ATOM   182 N  N3    . DC  A 1 9  ? 1.543   -5.293  -6.005  1.00 16.04 ? 9   DC  A N3    1 
ATOM   183 C  C4    . DC  A 1 9  ? 1.487   -4.330  -6.930  1.00 15.77 ? 9   DC  A C4    1 
ATOM   184 N  N4    . DC  A 1 9  ? 0.290   -3.968  -7.387  1.00 15.30 ? 9   DC  A N4    1 
ATOM   185 C  C5    . DC  A 1 9  ? 2.662   -3.682  -7.416  1.00 17.46 ? 9   DC  A C5    1 
ATOM   186 C  C6    . DC  A 1 9  ? 3.826   -4.013  -6.849  1.00 17.35 ? 9   DC  A C6    1 
ATOM   187 P  P     . DG  A 1 10 ? 9.099   -6.854  -4.435  1.00 25.85 ? 10  DG  A P     1 
ATOM   188 O  OP1   . DG  A 1 10 ? 9.697   -7.241  -3.125  1.00 30.76 ? 10  DG  A OP1   1 
ATOM   189 O  OP2   . DG  A 1 10 ? 9.955   -6.367  -5.541  1.00 28.04 ? 10  DG  A OP2   1 
ATOM   190 O  "O5'" . DG  A 1 10 ? 8.254   -8.087  -4.959  1.00 24.96 ? 10  DG  A "O5'" 1 
ATOM   191 C  "C5'" . DG  A 1 10 ? 7.431   -8.802  -4.049  1.00 22.05 ? 10  DG  A "C5'" 1 
ATOM   192 C  "C4'" . DG  A 1 10 ? 6.504   -9.710  -4.808  1.00 24.92 ? 10  DG  A "C4'" 1 
ATOM   193 O  "O4'" . DG  A 1 10 ? 5.460   -8.934  -5.441  1.00 20.80 ? 10  DG  A "O4'" 1 
ATOM   194 C  "C3'" . DG  A 1 10 ? 7.181   -10.507 -5.929  1.00 24.42 ? 10  DG  A "C3'" 1 
ATOM   195 O  "O3'" . DG  A 1 10 ? 6.609   -11.799 -5.948  1.00 27.43 ? 10  DG  A "O3'" 1 
ATOM   196 C  "C2'" . DG  A 1 10 ? 6.701   -9.824  -7.193  1.00 22.55 ? 10  DG  A "C2'" 1 
ATOM   197 C  "C1'" . DG  A 1 10 ? 5.306   -9.458  -6.738  1.00 21.19 ? 10  DG  A "C1'" 1 
ATOM   198 N  N9    . DG  A 1 10 ? 4.553   -8.510  -7.546  1.00 21.30 ? 10  DG  A N9    1 
ATOM   199 C  C8    . DG  A 1 10 ? 5.012   -7.553  -8.409  1.00 21.60 ? 10  DG  A C8    1 
ATOM   200 N  N7    . DG  A 1 10 ? 4.051   -6.902  -9.005  1.00 21.17 ? 10  DG  A N7    1 
ATOM   201 C  C5    . DG  A 1 10 ? 2.885   -7.457  -8.484  1.00 18.53 ? 10  DG  A C5    1 
ATOM   202 C  C6    . DG  A 1 10 ? 1.497   -7.164  -8.740  1.00 16.93 ? 10  DG  A C6    1 
ATOM   203 O  O6    . DG  A 1 10 ? 0.993   -6.309  -9.467  1.00 17.34 ? 10  DG  A O6    1 
ATOM   204 N  N1    . DG  A 1 10 ? 0.668   -7.995  -8.013  1.00 15.75 ? 10  DG  A N1    1 
ATOM   205 C  C2    . DG  A 1 10 ? 1.084   -8.962  -7.144  1.00 18.16 ? 10  DG  A C2    1 
ATOM   206 N  N2    . DG  A 1 10 ? 0.115   -9.680  -6.528  1.00 18.20 ? 10  DG  A N2    1 
ATOM   207 N  N3    . DG  A 1 10 ? 2.346   -9.226  -6.885  1.00 18.50 ? 10  DG  A N3    1 
ATOM   208 C  C4    . DG  A 1 10 ? 3.182   -8.447  -7.587  1.00 19.04 ? 10  DG  A C4    1 
ATOM   209 P  P     . DC  A 1 11 ? 7.387   -13.021 -5.262  1.00 30.48 ? 11  DC  A P     1 
ATOM   210 O  OP1   . DC  A 1 11 ? 8.142   -12.480 -4.095  1.00 31.29 ? 11  DC  A OP1   1 
ATOM   211 O  OP2   . DC  A 1 11 ? 8.108   -13.752 -6.335  1.00 31.10 ? 11  DC  A OP2   1 
ATOM   212 O  "O5'" . DC  A 1 11 ? 6.190   -13.908 -4.705  1.00 27.35 ? 11  DC  A "O5'" 1 
ATOM   213 C  "C5'" . DC  A 1 11 ? 5.428   -13.460 -3.574  1.00 24.73 ? 11  DC  A "C5'" 1 
ATOM   214 C  "C4'" . DC  A 1 11 ? 3.975   -13.854 -3.709  1.00 27.85 ? 11  DC  A "C4'" 1 
ATOM   215 O  "O4'" . DC  A 1 11 ? 3.301   -13.063 -4.714  1.00 25.18 ? 11  DC  A "O4'" 1 
ATOM   216 C  "C3'" . DC  A 1 11 ? 3.700   -15.307 -4.067  1.00 27.47 ? 11  DC  A "C3'" 1 
ATOM   217 O  "O3'" . DC  A 1 11 ? 2.580   -15.720 -3.288  1.00 29.65 ? 11  DC  A "O3'" 1 
ATOM   218 C  "C2'" . DC  A 1 11 ? 3.335   -15.251 -5.546  1.00 28.14 ? 11  DC  A "C2'" 1 
ATOM   219 C  "C1'" . DC  A 1 11 ? 2.663   -13.895 -5.675  1.00 24.86 ? 11  DC  A "C1'" 1 
ATOM   220 N  N1    . DC  A 1 11 ? 2.773   -13.206 -6.973  1.00 23.69 ? 11  DC  A N1    1 
ATOM   221 C  C2    . DC  A 1 11 ? 1.606   -12.667 -7.556  1.00 20.96 ? 11  DC  A C2    1 
ATOM   222 O  O2    . DC  A 1 11 ? 0.503   -12.901 -7.023  1.00 19.89 ? 11  DC  A O2    1 
ATOM   223 N  N3    . DC  A 1 11 ? 1.721   -11.908 -8.665  1.00 21.41 ? 11  DC  A N3    1 
ATOM   224 C  C4    . DC  A 1 11 ? 2.923   -11.667 -9.193  1.00 22.53 ? 11  DC  A C4    1 
ATOM   225 N  N4    . DC  A 1 11 ? 2.997   -10.805 -10.198 1.00 21.81 ? 11  DC  A N4    1 
ATOM   226 C  C5    . DC  A 1 11 ? 4.112   -12.276 -8.679  1.00 23.07 ? 11  DC  A C5    1 
ATOM   227 C  C6    . DC  A 1 11 ? 3.988   -13.036 -7.580  1.00 22.48 ? 11  DC  A C6    1 
ATOM   228 P  P     . DG  A 1 12 ? 2.256   -17.280 -3.128  1.00 35.53 ? 12  DG  A P     1 
ATOM   229 O  OP1   . DG  A 1 12 ? 1.466   -17.446 -1.882  1.00 36.82 ? 12  DG  A OP1   1 
ATOM   230 O  OP2   . DG  A 1 12 ? 3.505   -18.060 -3.332  1.00 38.41 ? 12  DG  A OP2   1 
ATOM   231 O  "O5'" . DG  A 1 12 ? 1.265   -17.555 -4.338  1.00 32.76 ? 12  DG  A "O5'" 1 
ATOM   232 C  "C5'" . DG  A 1 12 ? -0.075  -17.069 -4.282  1.00 27.50 ? 12  DG  A "C5'" 1 
ATOM   233 C  "C4'" . DG  A 1 12 ? -0.835  -17.505 -5.510  1.00 24.34 ? 12  DG  A "C4'" 1 
ATOM   234 O  "O4'" . DG  A 1 12 ? -0.516  -16.643 -6.624  1.00 25.82 ? 12  DG  A "O4'" 1 
ATOM   235 C  "C3'" . DG  A 1 12 ? -0.549  -18.936 -5.965  1.00 22.02 ? 12  DG  A "C3'" 1 
ATOM   236 O  "O3'" . DG  A 1 12 ? -1.740  -19.716 -6.024  1.00 25.67 ? 12  DG  A "O3'" 1 
ATOM   237 C  "C2'" . DG  A 1 12 ? 0.154   -18.766 -7.304  1.00 23.28 ? 12  DG  A "C2'" 1 
ATOM   238 C  "C1'" . DG  A 1 12 ? -0.327  -17.400 -7.796  1.00 21.01 ? 12  DG  A "C1'" 1 
ATOM   239 N  N9    . DG  A 1 12 ? 0.621   -16.669 -8.635  1.00 21.67 ? 12  DG  A N9    1 
ATOM   240 C  C8    . DG  A 1 12 ? 1.997   -16.748 -8.585  1.00 21.84 ? 12  DG  A C8    1 
ATOM   241 N  N7    . DG  A 1 12 ? 2.589   -15.923 -9.404  1.00 22.18 ? 12  DG  A N7    1 
ATOM   242 C  C5    . DG  A 1 12 ? 1.547   -15.273 -10.054 1.00 20.80 ? 12  DG  A C5    1 
ATOM   243 C  C6    . DG  A 1 12 ? 1.576   -14.261 -11.050 1.00 21.10 ? 12  DG  A C6    1 
ATOM   244 O  O6    . DG  A 1 12 ? 2.574   -13.711 -11.569 1.00 22.70 ? 12  DG  A O6    1 
ATOM   245 N  N1    . DG  A 1 12 ? 0.297   -13.885 -11.442 1.00 20.97 ? 12  DG  A N1    1 
ATOM   246 C  C2    . DG  A 1 12 ? -0.874  -14.416 -10.934 1.00 21.16 ? 12  DG  A C2    1 
ATOM   247 N  N2    . DG  A 1 12 ? -2.021  -13.947 -11.452 1.00 20.25 ? 12  DG  A N2    1 
ATOM   248 N  N3    . DG  A 1 12 ? -0.913  -15.352 -9.990  1.00 21.07 ? 12  DG  A N3    1 
ATOM   249 C  C4    . DG  A 1 12 ? 0.323   -15.733 -9.603  1.00 19.59 ? 12  DG  A C4    1 
ATOM   250 O  "O5'" . DC  B 1 1  ? -1.205  -8.600  -18.431 1.00 38.86 ? 13  DC  B "O5'" 1 
ATOM   251 C  "C5'" . DC  B 1 1  ? -2.148  -9.443  -19.106 1.00 34.29 ? 13  DC  B "C5'" 1 
ATOM   252 C  "C4'" . DC  B 1 1  ? -3.131  -10.089 -18.155 1.00 32.91 ? 13  DC  B "C4'" 1 
ATOM   253 O  "O4'" . DC  B 1 1  ? -2.411  -10.928 -17.219 1.00 32.43 ? 13  DC  B "O4'" 1 
ATOM   254 C  "C3'" . DC  B 1 1  ? -3.949  -9.113  -17.316 1.00 33.56 ? 13  DC  B "C3'" 1 
ATOM   255 O  "O3'" . DC  B 1 1  ? -5.297  -9.592  -17.230 1.00 30.96 ? 13  DC  B "O3'" 1 
ATOM   256 C  "C2'" . DC  B 1 1  ? -3.251  -9.126  -15.964 1.00 31.35 ? 13  DC  B "C2'" 1 
ATOM   257 C  "C1'" . DC  B 1 1  ? -2.657  -10.533 -15.877 1.00 29.94 ? 13  DC  B "C1'" 1 
ATOM   258 N  N1    . DC  B 1 1  ? -1.375  -10.650 -15.160 1.00 26.44 ? 13  DC  B N1    1 
ATOM   259 C  C2    . DC  B 1 1  ? -1.246  -11.584 -14.119 1.00 26.38 ? 13  DC  B C2    1 
ATOM   260 O  O2    . DC  B 1 1  ? -2.244  -12.202 -13.745 1.00 24.90 ? 13  DC  B O2    1 
ATOM   261 N  N3    . DC  B 1 1  ? -0.037  -11.773 -13.545 1.00 23.51 ? 13  DC  B N3    1 
ATOM   262 C  C4    . DC  B 1 1  ? 1.011   -11.050 -13.948 1.00 27.49 ? 13  DC  B C4    1 
ATOM   263 N  N4    . DC  B 1 1  ? 2.189   -11.294 -13.382 1.00 25.60 ? 13  DC  B N4    1 
ATOM   264 C  C5    . DC  B 1 1  ? 0.893   -10.054 -14.957 1.00 25.81 ? 13  DC  B C5    1 
ATOM   265 C  C6    . DC  B 1 1  ? -0.302  -9.885  -15.531 1.00 27.65 ? 13  DC  B C6    1 
ATOM   266 P  P     . DG  B 1 2  ? -6.474  -8.593  -16.802 1.00 34.54 ? 14  DG  B P     1 
ATOM   267 O  OP1   . DG  B 1 2  ? -7.701  -9.018  -17.540 1.00 38.23 ? 14  DG  B OP1   1 
ATOM   268 O  OP2   . DG  B 1 2  ? -6.014  -7.184  -16.899 1.00 32.35 ? 14  DG  B OP2   1 
ATOM   269 O  "O5'" . DG  B 1 2  ? -6.669  -8.930  -15.259 1.00 32.86 ? 14  DG  B "O5'" 1 
ATOM   270 C  "C5'" . DG  B 1 2  ? -6.996  -10.257 -14.850 1.00 26.01 ? 14  DG  B "C5'" 1 
ATOM   271 C  "C4'" . DG  B 1 2  ? -6.878  -10.381 -13.351 1.00 23.29 ? 14  DG  B "C4'" 1 
ATOM   272 O  "O4'" . DG  B 1 2  ? -5.515  -10.582 -12.911 1.00 24.93 ? 14  DG  B "O4'" 1 
ATOM   273 C  "C3'" . DG  B 1 2  ? -7.460  -9.243  -12.520 1.00 22.53 ? 14  DG  B "C3'" 1 
ATOM   274 O  "O3'" . DG  B 1 2  ? -8.476  -9.769  -11.665 1.00 23.26 ? 14  DG  B "O3'" 1 
ATOM   275 C  "C2'" . DG  B 1 2  ? -6.264  -8.685  -11.763 1.00 22.32 ? 14  DG  B "C2'" 1 
ATOM   276 C  "C1'" . DG  B 1 2  ? -5.281  -9.854  -11.723 1.00 21.84 ? 14  DG  B "C1'" 1 
ATOM   277 N  N9    . DG  B 1 2  ? -3.873  -9.474  -11.726 1.00 19.78 ? 14  DG  B N9    1 
ATOM   278 C  C8    . DG  B 1 2  ? -3.273  -8.505  -12.482 1.00 19.56 ? 14  DG  B C8    1 
ATOM   279 N  N7    . DG  B 1 2  ? -1.985  -8.439  -12.294 1.00 21.97 ? 14  DG  B N7    1 
ATOM   280 C  C5    . DG  B 1 2  ? -1.717  -9.418  -11.349 1.00 19.41 ? 14  DG  B C5    1 
ATOM   281 C  C6    . DG  B 1 2  ? -0.494  -9.809  -10.755 1.00 19.52 ? 14  DG  B C6    1 
ATOM   282 O  O6    . DG  B 1 2  ? 0.640   -9.352  -10.962 1.00 21.65 ? 14  DG  B O6    1 
ATOM   283 N  N1    . DG  B 1 2  ? -0.672  -10.834 -9.838  1.00 17.57 ? 14  DG  B N1    1 
ATOM   284 C  C2    . DG  B 1 2  ? -1.886  -11.403 -9.519  1.00 17.11 ? 14  DG  B C2    1 
ATOM   285 N  N2    . DG  B 1 2  ? -1.885  -12.371 -8.574  1.00 19.35 ? 14  DG  B N2    1 
ATOM   286 N  N3    . DG  B 1 2  ? -3.030  -11.048 -10.074 1.00 17.98 ? 14  DG  B N3    1 
ATOM   287 C  C4    . DG  B 1 2  ? -2.870  -10.059 -10.977 1.00 18.15 ? 14  DG  B C4    1 
ATOM   288 P  P     . DC  B 1 3  ? -9.316  -8.801  -10.699 1.00 24.09 ? 15  DC  B P     1 
ATOM   289 O  OP1   . DC  B 1 3  ? -10.656 -9.433  -10.587 1.00 26.94 ? 15  DC  B OP1   1 
ATOM   290 O  OP2   . DC  B 1 3  ? -9.205  -7.395  -11.124 1.00 25.69 ? 15  DC  B OP2   1 
ATOM   291 O  "O5'" . DC  B 1 3  ? -8.589  -8.984  -9.291  1.00 22.29 ? 15  DC  B "O5'" 1 
ATOM   292 C  "C5'" . DC  B 1 3  ? -8.459  -10.291 -8.735  1.00 20.11 ? 15  DC  B "C5'" 1 
ATOM   293 C  "C4'" . DC  B 1 3  ? -7.324  -10.338 -7.745  1.00 17.75 ? 15  DC  B "C4'" 1 
ATOM   294 O  "O4'" . DC  B 1 3  ? -6.090  -10.014 -8.404  1.00 20.09 ? 15  DC  B "O4'" 1 
ATOM   295 C  "C3'" . DC  B 1 3  ? -7.403  -9.364  -6.586  1.00 19.24 ? 15  DC  B "C3'" 1 
ATOM   296 O  "O3'" . DC  B 1 3  ? -8.232  -9.966  -5.600  1.00 21.96 ? 15  DC  B "O3'" 1 
ATOM   297 C  "C2'" . DC  B 1 3  ? -5.953  -9.300  -6.135  1.00 20.66 ? 15  DC  B "C2'" 1 
ATOM   298 C  "C1'" . DC  B 1 3  ? -5.163  -9.598  -7.408  1.00 19.23 ? 15  DC  B "C1'" 1 
ATOM   299 N  N1    . DC  B 1 3  ? -4.347  -8.509  -7.952  1.00 20.04 ? 15  DC  B N1    1 
ATOM   300 C  C2    . DC  B 1 3  ? -2.974  -8.553  -7.724  1.00 17.39 ? 15  DC  B C2    1 
ATOM   301 O  O2    . DC  B 1 3  ? -2.534  -9.435  -6.972  1.00 18.11 ? 15  DC  B O2    1 
ATOM   302 N  N3    . DC  B 1 3  ? -2.171  -7.643  -8.314  1.00 17.88 ? 15  DC  B N3    1 
ATOM   303 C  C4    . DC  B 1 3  ? -2.698  -6.696  -9.092  1.00 15.67 ? 15  DC  B C4    1 
ATOM   304 N  N4    . DC  B 1 3  ? -1.857  -5.855  -9.715  1.00 21.02 ? 15  DC  B N4    1 
ATOM   305 C  C5    . DC  B 1 3  ? -4.112  -6.579  -9.285  1.00 19.39 ? 15  DC  B C5    1 
ATOM   306 C  C6    . DC  B 1 3  ? -4.889  -7.497  -8.695  1.00 18.66 ? 15  DC  B C6    1 
ATOM   307 P  P     . DG  B 1 4  ? -8.658  -9.138  -4.305  1.00 23.79 ? 16  DG  B P     1 
ATOM   308 O  OP1   . DG  B 1 4  ? -9.876  -9.835  -3.776  1.00 27.46 ? 16  DG  B OP1   1 
ATOM   309 O  OP2   . DG  B 1 4  ? -8.715  -7.683  -4.586  1.00 27.50 ? 16  DG  B OP2   1 
ATOM   310 O  "O5'" . DG  B 1 4  ? -7.477  -9.406  -3.273  1.00 21.16 ? 16  DG  B "O5'" 1 
ATOM   311 C  "C5'" . DG  B 1 4  ? -7.169  -10.739 -2.860  1.00 20.21 ? 16  DG  B "C5'" 1 
ATOM   312 C  "C4'" . DG  B 1 4  ? -5.921  -10.742 -2.017  1.00 19.88 ? 16  DG  B "C4'" 1 
ATOM   313 O  "O4'" . DG  B 1 4  ? -4.865  -10.170 -2.816  1.00 19.36 ? 16  DG  B "O4'" 1 
ATOM   314 C  "C3'" . DG  B 1 4  ? -5.978  -9.917  -0.728  1.00 22.82 ? 16  DG  B "C3'" 1 
ATOM   315 O  "O3'" . DG  B 1 4  ? -5.195  -10.637 0.231   1.00 22.28 ? 16  DG  B "O3'" 1 
ATOM   316 C  "C2'" . DG  B 1 4  ? -5.346  -8.595  -1.129  1.00 22.06 ? 16  DG  B "C2'" 1 
ATOM   317 C  "C1'" . DG  B 1 4  ? -4.336  -9.019  -2.180  1.00 18.86 ? 16  DG  B "C1'" 1 
ATOM   318 N  N9    . DG  B 1 4  ? -4.095  -8.018  -3.217  1.00 15.77 ? 16  DG  B N9    1 
ATOM   319 C  C8    . DG  B 1 4  ? -5.016  -7.194  -3.805  1.00 17.70 ? 16  DG  B C8    1 
ATOM   320 N  N7    . DG  B 1 4  ? -4.480  -6.352  -4.655  1.00 16.41 ? 16  DG  B N7    1 
ATOM   321 C  C5    . DG  B 1 4  ? -3.121  -6.654  -4.634  1.00 15.36 ? 16  DG  B C5    1 
ATOM   322 C  C6    . DG  B 1 4  ? -2.011  -6.058  -5.332  1.00 16.57 ? 16  DG  B C6    1 
ATOM   323 O  O6    . DG  B 1 4  ? -2.020  -5.139  -6.168  1.00 16.15 ? 16  DG  B O6    1 
ATOM   324 N  N1    . DG  B 1 4  ? -0.802  -6.655  -4.975  1.00 16.97 ? 16  DG  B N1    1 
ATOM   325 C  C2    . DG  B 1 4  ? -0.665  -7.702  -4.094  1.00 15.83 ? 16  DG  B C2    1 
ATOM   326 N  N2    . DG  B 1 4  ? 0.560   -8.156  -3.871  1.00 16.24 ? 16  DG  B N2    1 
ATOM   327 N  N3    . DG  B 1 4  ? -1.679  -8.267  -3.464  1.00 14.69 ? 16  DG  B N3    1 
ATOM   328 C  C4    . DG  B 1 4  ? -2.864  -7.690  -3.767  1.00 17.69 ? 16  DG  B C4    1 
ATOM   329 P  P     . DA  B 1 5  ? -4.612  -9.929  1.563   1.00 24.12 ? 17  DA  B P     1 
ATOM   330 O  OP1   . DA  B 1 5  ? -4.606  -11.004 2.592   1.00 26.32 ? 17  DA  B OP1   1 
ATOM   331 O  OP2   . DA  B 1 5  ? -5.277  -8.640  1.853   1.00 24.92 ? 17  DA  B OP2   1 
ATOM   332 O  "O5'" . DA  B 1 5  ? -3.093  -9.655  1.174   1.00 22.46 ? 17  DA  B "O5'" 1 
ATOM   333 C  "C5'" . DA  B 1 5  ? -2.263  -10.709 0.659   1.00 20.87 ? 17  DA  B "C5'" 1 
ATOM   334 C  "C4'" . DA  B 1 5  ? -0.819  -10.267 0.608   1.00 21.97 ? 17  DA  B "C4'" 1 
ATOM   335 O  "O4'" . DA  B 1 5  ? -0.649  -9.219  -0.378  1.00 21.76 ? 17  DA  B "O4'" 1 
ATOM   336 C  "C3'" . DA  B 1 5  ? -0.297  -9.693  1.918   1.00 22.43 ? 17  DA  B "C3'" 1 
ATOM   337 O  "O3'" . DA  B 1 5  ? 1.052   -10.106 2.052   1.00 22.88 ? 17  DA  B "O3'" 1 
ATOM   338 C  "C2'" . DA  B 1 5  ? -0.404  -8.190  1.723   1.00 19.98 ? 17  DA  B "C2'" 1 
ATOM   339 C  "C1'" . DA  B 1 5  ? -0.191  -8.021  0.226   1.00 18.56 ? 17  DA  B "C1'" 1 
ATOM   340 N  N9    . DA  B 1 5  ? -0.974  -6.933  -0.356  1.00 17.31 ? 17  DA  B N9    1 
ATOM   341 C  C8    . DA  B 1 5  ? -2.322  -6.714  -0.234  1.00 16.93 ? 17  DA  B C8    1 
ATOM   342 N  N7    . DA  B 1 5  ? -2.770  -5.729  -0.980  1.00 17.21 ? 17  DA  B N7    1 
ATOM   343 C  C5    . DA  B 1 5  ? -1.629  -5.247  -1.613  1.00 13.93 ? 17  DA  B C5    1 
ATOM   344 C  C6    . DA  B 1 5  ? -1.431  -4.208  -2.544  1.00 14.34 ? 17  DA  B C6    1 
ATOM   345 N  N6    . DA  B 1 5  ? -2.423  -3.461  -3.049  1.00 17.06 ? 17  DA  B N6    1 
ATOM   346 N  N1    . DA  B 1 5  ? -0.163  -3.976  -2.954  1.00 15.23 ? 17  DA  B N1    1 
ATOM   347 C  C2    . DA  B 1 5  ? 0.826   -4.740  -2.470  1.00 16.56 ? 17  DA  B C2    1 
ATOM   348 N  N3    . DA  B 1 5  ? 0.763   -5.758  -1.607  1.00 17.52 ? 17  DA  B N3    1 
ATOM   349 C  C4    . DA  B 1 5  ? -0.510  -5.957  -1.213  1.00 16.65 ? 17  DA  B C4    1 
ATOM   350 P  P     . DA  B 1 6  ? 1.904   -9.626  3.320   1.00 26.30 ? 18  DA  B P     1 
ATOM   351 O  OP1   . DA  B 1 6  ? 2.931   -10.669 3.525   1.00 29.52 ? 18  DA  B OP1   1 
ATOM   352 O  OP2   . DA  B 1 6  ? 0.957   -9.276  4.387   1.00 27.12 ? 18  DA  B OP2   1 
ATOM   353 O  "O5'" . DA  B 1 6  ? 2.621   -8.305  2.802   1.00 22.93 ? 18  DA  B "O5'" 1 
ATOM   354 C  "C5'" . DA  B 1 6  ? 3.495   -8.383  1.684   1.00 23.29 ? 18  DA  B "C5'" 1 
ATOM   355 C  "C4'" . DA  B 1 6  ? 4.036   -7.018  1.356   1.00 21.55 ? 18  DA  B "C4'" 1 
ATOM   356 O  "O4'" . DA  B 1 6  ? 2.998   -6.196  0.783   1.00 19.12 ? 18  DA  B "O4'" 1 
ATOM   357 C  "C3'" . DA  B 1 6  ? 4.611   -6.251  2.547   1.00 22.32 ? 18  DA  B "C3'" 1 
ATOM   358 O  "O3'" . DA  B 1 6  ? 5.964   -5.918  2.247   1.00 26.04 ? 18  DA  B "O3'" 1 
ATOM   359 C  "C2'" . DA  B 1 6  ? 3.682   -5.049  2.707   1.00 20.82 ? 18  DA  B "C2'" 1 
ATOM   360 C  "C1'" . DA  B 1 6  ? 3.101   -4.880  1.307   1.00 18.45 ? 18  DA  B "C1'" 1 
ATOM   361 N  N9    . DA  B 1 6  ? 1.767   -4.273  1.246   1.00 17.69 ? 18  DA  B N9    1 
ATOM   362 C  C8    . DA  B 1 6  ? 0.616   -4.620  1.915   1.00 16.32 ? 18  DA  B C8    1 
ATOM   363 N  N7    . DA  B 1 6  ? -0.430  -3.911  1.575   1.00 18.87 ? 18  DA  B N7    1 
ATOM   364 C  C5    . DA  B 1 6  ? 0.064   -3.028  0.623   1.00 16.48 ? 18  DA  B C5    1 
ATOM   365 C  C6    . DA  B 1 6  ? -0.554  -2.024  -0.135  1.00 16.20 ? 18  DA  B C6    1 
ATOM   366 N  N6    . DA  B 1 6  ? -1.860  -1.766  -0.102  1.00 15.90 ? 18  DA  B N6    1 
ATOM   367 N  N1    . DA  B 1 6  ? 0.228   -1.293  -0.958  1.00 13.34 ? 18  DA  B N1    1 
ATOM   368 C  C2    . DA  B 1 6  ? 1.528   -1.590  -1.038  1.00 16.47 ? 18  DA  B C2    1 
ATOM   369 N  N3    . DA  B 1 6  ? 2.224   -2.535  -0.406  1.00 15.20 ? 18  DA  B N3    1 
ATOM   370 C  C4    . DA  B 1 6  ? 1.417   -3.223  0.431   1.00 16.86 ? 18  DA  B C4    1 
HETATM 371 P  P     . TLC B 1 7  ? 6.887   -5.220  3.363   1.00 26.81 ? 19  TLC B P     1 
HETATM 372 O  OP1   . TLC B 1 7  ? 8.262   -5.718  3.142   1.00 31.48 ? 19  TLC B OP1   1 
HETATM 373 O  OP2   . TLC B 1 7  ? 6.256   -5.346  4.687   1.00 25.07 ? 19  TLC B OP2   1 
HETATM 374 O  "O5'" . TLC B 1 7  ? 6.813   -3.694  2.927   1.00 23.46 ? 19  TLC B "O5'" 1 
HETATM 375 C  "C5'" . TLC B 1 7  ? 7.085   -3.335  1.572   1.00 22.12 ? 19  TLC B "C5'" 1 
HETATM 376 C  "C4'" . TLC B 1 7  ? 6.450   -2.014  1.244   1.00 21.40 ? 19  TLC B "C4'" 1 
HETATM 377 O  "O4'" . TLC B 1 7  ? 5.054   -2.004  1.581   1.00 19.58 ? 19  TLC B "O4'" 1 
HETATM 378 C  "C1'" . TLC B 1 7  ? 4.654   -0.666  1.481   1.00 19.34 ? 19  TLC B "C1'" 1 
HETATM 379 N  N1    . TLC B 1 7  ? 3.295   -0.536  2.024   1.00 18.22 ? 19  TLC B N1    1 
HETATM 380 C  C6    . TLC B 1 7  ? 2.821   -1.373  3.017   1.00 17.70 ? 19  TLC B C6    1 
HETATM 381 C  C2    . TLC B 1 7  ? 2.500   0.430   1.466   1.00 18.80 ? 19  TLC B C2    1 
HETATM 382 O  O2    . TLC B 1 7  ? 2.917   1.239   0.670   1.00 17.77 ? 19  TLC B O2    1 
HETATM 383 N  N3    . TLC B 1 7  ? 1.197   0.413   1.886   1.00 15.06 ? 19  TLC B N3    1 
HETATM 384 C  C4    . TLC B 1 7  ? 0.630   -0.446  2.810   1.00 15.52 ? 19  TLC B C4    1 
HETATM 385 O  O4    . TLC B 1 7  ? -0.568  -0.387  3.006   1.00 16.74 ? 19  TLC B O4    1 
HETATM 386 C  C5    . TLC B 1 7  ? 1.545   -1.367  3.435   1.00 15.35 ? 19  TLC B C5    1 
HETATM 387 C  C5M   . TLC B 1 7  ? 1.037   -2.266  4.520   1.00 19.19 ? 19  TLC B C5M   1 
HETATM 388 C  "C2'" . TLC B 1 7  ? 5.787   0.143   2.128   1.00 18.87 ? 19  TLC B "C2'" 1 
HETATM 389 O  O2L   . TLC B 1 7  ? 5.555   0.212   3.548   1.00 20.05 ? 19  TLC B O2L   1 
HETATM 390 C  C3L   . TLC B 1 7  ? 7.544   -0.845  3.262   1.00 22.05 ? 19  TLC B C3L   1 
HETATM 391 C  C2L   . TLC B 1 7  ? 6.397   -0.799  4.145   1.00 22.15 ? 19  TLC B C2L   1 
HETATM 392 C  "C3'" . TLC B 1 7  ? 7.033   -0.738  1.862   1.00 21.42 ? 19  TLC B "C3'" 1 
HETATM 393 O  "O3'" . TLC B 1 7  ? 7.884   -0.230  0.815   1.00 24.47 ? 19  TLC B "O3'" 1 
HETATM 394 P  P     . TLC B 1 8  ? 8.915   0.992   1.066   1.00 25.16 ? 20  TLC B P     1 
HETATM 395 O  OP1   . TLC B 1 8  ? 9.545   1.159   -0.266  1.00 26.51 ? 20  TLC B OP1   1 
HETATM 396 O  OP2   . TLC B 1 8  ? 9.760   0.765   2.269   1.00 28.67 ? 20  TLC B OP2   1 
HETATM 397 O  "O5'" . TLC B 1 8  ? 8.003   2.265   1.371   1.00 21.46 ? 20  TLC B "O5'" 1 
HETATM 398 C  "C5'" . TLC B 1 8  ? 7.539   3.090   0.304   1.00 21.66 ? 20  TLC B "C5'" 1 
HETATM 399 C  "C4'" . TLC B 1 8  ? 6.517   4.078   0.806   1.00 17.05 ? 20  TLC B "C4'" 1 
HETATM 400 O  "O4'" . TLC B 1 8  ? 5.428   3.420   1.476   1.00 19.70 ? 20  TLC B "O4'" 1 
HETATM 401 C  "C1'" . TLC B 1 8  ? 4.679   4.446   2.059   1.00 18.00 ? 20  TLC B "C1'" 1 
HETATM 402 N  N1    . TLC B 1 8  ? 3.650   3.845   2.931   1.00 17.31 ? 20  TLC B N1    1 
HETATM 403 C  C6    . TLC B 1 8  ? 3.967   2.896   3.872   1.00 17.26 ? 20  TLC B C6    1 
HETATM 404 C  C2    . TLC B 1 8  ? 2.339   4.255   2.725   1.00 15.96 ? 20  TLC B C2    1 
HETATM 405 O  O2    . TLC B 1 8  ? 2.014   5.137   1.950   1.00 15.87 ? 20  TLC B O2    1 
HETATM 406 N  N3    . TLC B 1 8  ? 1.410   3.585   3.480   1.00 15.83 ? 20  TLC B N3    1 
HETATM 407 C  C4    . TLC B 1 8  ? 1.659   2.591   4.407   1.00 17.11 ? 20  TLC B C4    1 
HETATM 408 O  O4    . TLC B 1 8  ? 0.728   2.045   4.966   1.00 17.54 ? 20  TLC B O4    1 
HETATM 409 C  C5    . TLC B 1 8  ? 3.046   2.259   4.613   1.00 15.17 ? 20  TLC B C5    1 
HETATM 410 C  C5M   . TLC B 1 8  ? 3.391   1.224   5.638   1.00 18.24 ? 20  TLC B C5M   1 
HETATM 411 C  "C2'" . TLC B 1 8  ? 5.717   5.404   2.664   1.00 21.12 ? 20  TLC B "C2'" 1 
HETATM 412 O  O2L   . TLC B 1 8  ? 6.098   4.958   3.953   1.00 22.92 ? 20  TLC B O2L   1 
HETATM 413 C  C3L   . TLC B 1 8  ? 8.087   4.792   2.804   1.00 23.70 ? 20  TLC B C3L   1 
HETATM 414 C  C2L   . TLC B 1 8  ? 7.332   4.190   3.920   1.00 23.65 ? 20  TLC B C2L   1 
HETATM 415 C  "C3'" . TLC B 1 8  ? 6.962   5.163   1.784   1.00 22.45 ? 20  TLC B "C3'" 1 
HETATM 416 O  "O3'" . TLC B 1 8  ? 7.322   6.277   0.957   1.00 22.50 ? 20  TLC B "O3'" 1 
ATOM   417 P  P     . DC  B 1 9  ? 7.378   7.779   1.548   1.00 30.80 ? 21  DC  B P     1 
ATOM   418 O  OP1   . DC  B 1 9  ? 8.036   8.602   0.495   1.00 33.17 ? 21  DC  B OP1   1 
ATOM   419 O  OP2   . DC  B 1 9  ? 7.895   7.791   2.926   1.00 30.08 ? 21  DC  B OP2   1 
ATOM   420 O  "O5'" . DC  B 1 9  ? 5.858   8.231   1.606   1.00 27.25 ? 21  DC  B "O5'" 1 
ATOM   421 C  "C5'" . DC  B 1 9  ? 5.077   8.260   0.425   1.00 22.25 ? 21  DC  B "C5'" 1 
ATOM   422 C  "C4'" . DC  B 1 9  ? 3.794   9.000   0.692   1.00 22.15 ? 21  DC  B "C4'" 1 
ATOM   423 O  "O4'" . DC  B 1 9  ? 2.904   8.199   1.513   1.00 23.03 ? 21  DC  B "O4'" 1 
ATOM   424 C  "C3'" . DC  B 1 9  ? 3.988   10.318  1.433   1.00 22.57 ? 21  DC  B "C3'" 1 
ATOM   425 O  "O3'" . DC  B 1 9  ? 3.277   11.337  0.751   1.00 25.84 ? 21  DC  B "O3'" 1 
ATOM   426 C  "C2'" . DC  B 1 9  ? 3.449   10.051  2.834   1.00 22.64 ? 21  DC  B "C2'" 1 
ATOM   427 C  "C1'" . DC  B 1 9  ? 2.412   8.971   2.598   1.00 21.50 ? 21  DC  B "C1'" 1 
ATOM   428 N  N1    . DC  B 1 9  ? 2.203   8.057   3.736   1.00 19.03 ? 21  DC  B N1    1 
ATOM   429 C  C2    . DC  B 1 9  ? 0.876   7.784   4.148   1.00 16.92 ? 21  DC  B C2    1 
ATOM   430 O  O2    . DC  B 1 9  ? -0.067  8.410   3.619   1.00 17.35 ? 21  DC  B O2    1 
ATOM   431 N  N3    . DC  B 1 9  ? 0.678   6.853   5.106   1.00 16.87 ? 21  DC  B N3    1 
ATOM   432 C  C4    . DC  B 1 9  ? 1.718   6.221   5.660   1.00 19.37 ? 21  DC  B C4    1 
ATOM   433 N  N4    . DC  B 1 9  ? 1.474   5.267   6.548   1.00 17.95 ? 21  DC  B N4    1 
ATOM   434 C  C5    . DC  B 1 9  ? 3.069   6.528   5.314   1.00 19.48 ? 21  DC  B C5    1 
ATOM   435 C  C6    . DC  B 1 9  ? 3.259   7.448   4.357   1.00 16.95 ? 21  DC  B C6    1 
ATOM   436 P  P     . DG  B 1 10 ? 3.582   12.878  1.083   1.00 27.95 ? 22  DG  B P     1 
ATOM   437 O  OP1   . DG  B 1 10 ? 3.165   13.649  -0.099  1.00 31.42 ? 22  DG  B OP1   1 
ATOM   438 O  OP2   . DG  B 1 10 ? 4.938   13.050  1.653   1.00 30.06 ? 22  DG  B OP2   1 
ATOM   439 O  "O5'" . DG  B 1 10 ? 2.545   13.179  2.248   1.00 27.31 ? 22  DG  B "O5'" 1 
ATOM   440 C  "C5'" . DG  B 1 10 ? 1.148   13.209  1.981   1.00 23.16 ? 22  DG  B "C5'" 1 
ATOM   441 C  "C4'" . DG  B 1 10 ? 0.398   13.393  3.279   1.00 23.81 ? 22  DG  B "C4'" 1 
ATOM   442 O  "O4'" . DG  B 1 10 ? 0.435   12.161  4.043   1.00 23.73 ? 22  DG  B "O4'" 1 
ATOM   443 C  "C3'" . DG  B 1 10 ? 0.969   14.477  4.201   1.00 22.31 ? 22  DG  B "C3'" 1 
ATOM   444 O  "O3'" . DG  B 1 10 ? -0.128  15.135  4.825   1.00 26.97 ? 22  DG  B "O3'" 1 
ATOM   445 C  "C2'" . DG  B 1 10 ? 1.677   13.686  5.280   1.00 23.58 ? 22  DG  B "C2'" 1 
ATOM   446 C  "C1'" . DG  B 1 10 ? 0.732   12.514  5.371   1.00 20.83 ? 22  DG  B "C1'" 1 
ATOM   447 N  N9    . DG  B 1 10 ? 1.206   11.336  6.077   1.00 19.91 ? 22  DG  B N9    1 
ATOM   448 C  C8    . DG  B 1 10 ? 2.500   10.923  6.264   1.00 18.25 ? 22  DG  B C8    1 
ATOM   449 N  N7    . DG  B 1 10 ? 2.594   9.838   6.980   1.00 20.50 ? 22  DG  B N7    1 
ATOM   450 C  C5    . DG  B 1 10 ? 1.273   9.525   7.288   1.00 18.35 ? 22  DG  B C5    1 
ATOM   451 C  C6    . DG  B 1 10 ? 0.761   8.472   8.036   1.00 14.70 ? 22  DG  B C6    1 
ATOM   452 O  O6    . DG  B 1 10 ? 1.389   7.579   8.579   1.00 16.90 ? 22  DG  B O6    1 
ATOM   453 N  N1    . DG  B 1 10 ? -0.642  8.520   8.103   1.00 15.49 ? 22  DG  B N1    1 
ATOM   454 C  C2    . DG  B 1 10 ? -1.428  9.476   7.501   1.00 16.06 ? 22  DG  B C2    1 
ATOM   455 N  N2    . DG  B 1 10 ? -2.772  9.392   7.678   1.00 16.50 ? 22  DG  B N2    1 
ATOM   456 N  N3    . DG  B 1 10 ? -0.940  10.468  6.773   1.00 17.41 ? 22  DG  B N3    1 
ATOM   457 C  C4    . DG  B 1 10 ? 0.409   10.431  6.721   1.00 17.79 ? 22  DG  B C4    1 
ATOM   458 P  P     . DC  B 1 11 ? -0.037  16.694  5.210   1.00 27.82 ? 23  DC  B P     1 
ATOM   459 O  OP1   . DC  B 1 11 ? -0.133  17.451  3.944   1.00 30.20 ? 23  DC  B OP1   1 
ATOM   460 O  OP2   . DC  B 1 11 ? 1.087   16.940  6.129   1.00 26.02 ? 23  DC  B OP2   1 
ATOM   461 O  "O5'" . DC  B 1 11 ? -1.395  16.893  6.032   1.00 25.11 ? 23  DC  B "O5'" 1 
ATOM   462 C  "C5'" . DC  B 1 11 ? -2.659  16.674  5.394   1.00 23.73 ? 23  DC  B "C5'" 1 
ATOM   463 C  "C4'" . DC  B 1 11 ? -3.537  15.791  6.254   1.00 21.97 ? 23  DC  B "C4'" 1 
ATOM   464 O  "O4'" . DC  B 1 11 ? -2.953  14.483  6.386   1.00 22.60 ? 23  DC  B "O4'" 1 
ATOM   465 C  "C3'" . DC  B 1 11 ? -3.780  16.263  7.680   1.00 21.48 ? 23  DC  B "C3'" 1 
ATOM   466 O  "O3'" . DC  B 1 11 ? -4.874  17.163  7.692   1.00 23.05 ? 23  DC  B "O3'" 1 
ATOM   467 C  "C2'" . DC  B 1 11 ? -4.148  14.974  8.385   1.00 20.68 ? 23  DC  B "C2'" 1 
ATOM   468 C  "C1'" . DC  B 1 11 ? -3.312  13.936  7.651   1.00 21.99 ? 23  DC  B "C1'" 1 
ATOM   469 N  N1    . DC  B 1 11 ? -2.083  13.550  8.333   1.00 19.62 ? 23  DC  B N1    1 
ATOM   470 C  C2    . DC  B 1 11 ? -2.158  12.525  9.251   1.00 19.64 ? 23  DC  B C2    1 
ATOM   471 O  O2    . DC  B 1 11 ? -3.290  12.112  9.559   1.00 18.43 ? 23  DC  B O2    1 
ATOM   472 N  N3    . DC  B 1 11 ? -1.026  12.020  9.787   1.00 18.71 ? 23  DC  B N3    1 
ATOM   473 C  C4    . DC  B 1 11 ? 0.154   12.545  9.455   1.00 17.27 ? 23  DC  B C4    1 
ATOM   474 N  N4    . DC  B 1 11 ? 1.258   11.981  9.955   1.00 17.77 ? 23  DC  B N4    1 
ATOM   475 C  C5    . DC  B 1 11 ? 0.256   13.668  8.581   1.00 21.24 ? 23  DC  B C5    1 
ATOM   476 C  C6    . DC  B 1 11 ? -0.881  14.136  8.047   1.00 19.01 ? 23  DC  B C6    1 
ATOM   477 P  P     . DG  B 1 12 ? -5.052  18.180  8.914   1.00 23.41 ? 24  DG  B P     1 
ATOM   478 O  OP1   . DG  B 1 12 ? -6.049  19.172  8.446   1.00 26.99 ? 24  DG  B OP1   1 
ATOM   479 O  OP2   . DG  B 1 12 ? -3.718  18.639  9.380   1.00 24.68 ? 24  DG  B OP2   1 
ATOM   480 O  "O5'" . DG  B 1 12 ? -5.679  17.300  10.094  1.00 20.63 ? 24  DG  B "O5'" 1 
ATOM   481 C  "C5'" . DG  B 1 12 ? -6.971  16.679  9.971   1.00 19.27 ? 24  DG  B "C5'" 1 
ATOM   482 C  "C4'" . DG  B 1 12 ? -7.162  15.662  11.077  1.00 18.10 ? 24  DG  B "C4'" 1 
ATOM   483 O  "O4'" . DG  B 1 12 ? -6.207  14.596  10.931  1.00 19.80 ? 24  DG  B "O4'" 1 
ATOM   484 C  "C3'" . DG  B 1 12 ? -6.929  16.191  12.488  1.00 21.55 ? 24  DG  B "C3'" 1 
ATOM   485 O  "O3'" . DG  B 1 12 ? -8.119  16.787  13.000  1.00 19.92 ? 24  DG  B "O3'" 1 
ATOM   486 C  "C2'" . DG  B 1 12 ? -6.512  14.946  13.251  1.00 19.59 ? 24  DG  B "C2'" 1 
ATOM   487 C  "C1'" . DG  B 1 12 ? -5.737  14.158  12.204  1.00 20.05 ? 24  DG  B "C1'" 1 
ATOM   488 N  N9    . DG  B 1 12 ? -4.295  14.376  12.241  1.00 19.16 ? 24  DG  B N9    1 
ATOM   489 C  C8    . DG  B 1 12 ? -3.596  15.417  11.663  1.00 19.55 ? 24  DG  B C8    1 
ATOM   490 N  N7    . DG  B 1 12 ? -2.297  15.292  11.782  1.00 21.21 ? 24  DG  B N7    1 
ATOM   491 C  C5    . DG  B 1 12 ? -2.128  14.104  12.484  1.00 17.33 ? 24  DG  B C5    1 
ATOM   492 C  C6    . DG  B 1 12 ? -0.946  13.433  12.872  1.00 19.94 ? 24  DG  B C6    1 
ATOM   493 O  O6    . DG  B 1 12 ? 0.226   13.746  12.630  1.00 22.18 ? 24  DG  B O6    1 
ATOM   494 N  N1    . DG  B 1 12 ? -1.224  12.277  13.595  1.00 18.27 ? 24  DG  B N1    1 
ATOM   495 C  C2    . DG  B 1 12 ? -2.485  11.823  13.890  1.00 18.56 ? 24  DG  B C2    1 
ATOM   496 N  N2    . DG  B 1 12 ? -2.565  10.703  14.608  1.00 18.65 ? 24  DG  B N2    1 
ATOM   497 N  N3    . DG  B 1 12 ? -3.601  12.431  13.504  1.00 18.02 ? 24  DG  B N3    1 
ATOM   498 C  C4    . DG  B 1 12 ? -3.350  13.551  12.813  1.00 18.68 ? 24  DG  B C4    1 
HETATM 499 MG MG    . MG  C 2 .  ? 4.637   6.971   11.226  1.00 21.92 ? 25  MG  A MG    1 
HETATM 500 N  N1    . SPM D 3 .  ? 2.067   -7.713  -12.833 1.00 41.66 ? 521 SPM B N1    1 
HETATM 501 C  C2    . SPM D 3 .  ? 3.157   -6.805  -12.438 1.00 42.54 ? 521 SPM B C2    1 
HETATM 502 C  C3    . SPM D 3 .  ? 4.128   -6.600  -13.577 1.00 41.38 ? 521 SPM B C3    1 
HETATM 503 C  C4    . SPM D 3 .  ? 4.838   -5.241  -13.456 1.00 41.87 ? 521 SPM B C4    1 
HETATM 504 N  N5    . SPM D 3 .  ? 6.236   -5.319  -13.024 1.00 41.44 ? 521 SPM B N5    1 
HETATM 505 C  C6    . SPM D 3 .  ? 6.884   -4.018  -13.211 1.00 42.25 ? 521 SPM B C6    1 
HETATM 506 C  C7    . SPM D 3 .  ? 8.424   -4.050  -13.217 1.00 43.32 ? 521 SPM B C7    1 
HETATM 507 C  C8    . SPM D 3 .  ? 9.092   -2.982  -12.328 1.00 43.44 ? 521 SPM B C8    1 
HETATM 508 C  C9    . SPM D 3 .  ? 10.483  -3.458  -11.851 1.00 46.03 ? 521 SPM B C9    1 
HETATM 509 N  N10   . SPM D 3 .  ? 11.059  -2.680  -10.756 1.00 47.31 ? 521 SPM B N10   1 
HETATM 510 C  C11   . SPM D 3 .  ? 12.457  -3.042  -10.507 1.00 47.62 ? 521 SPM B C11   1 
HETATM 511 C  C12   . SPM D 3 .  ? 12.724  -3.521  -9.056  1.00 48.19 ? 521 SPM B C12   1 
HETATM 512 C  C13   . SPM D 3 .  ? 13.335  -4.960  -8.955  1.00 49.07 ? 521 SPM B C13   1 
HETATM 513 N  N14   . SPM D 3 .  ? 12.447  -6.094  -9.383  1.00 48.51 ? 521 SPM B N14   1 
HETATM 514 O  O     . HOH E 4 .  ? 3.096   5.870   12.208  1.00 23.86 ? 26  HOH A O     1 
HETATM 515 O  O     . HOH E 4 .  ? 6.157   7.934   10.206  1.00 23.56 ? 27  HOH A O     1 
HETATM 516 O  O     . HOH E 4 .  ? 3.603   8.802   11.350  1.00 24.95 ? 28  HOH A O     1 
HETATM 517 O  O     . HOH E 4 .  ? 5.733   5.058   11.004  1.00 27.81 ? 29  HOH A O     1 
HETATM 518 O  O     . HOH E 4 .  ? 5.707   7.479   13.092  1.00 26.22 ? 31  HOH A O     1 
HETATM 519 O  O     . HOH E 4 .  ? 4.831   11.103  10.532  1.00 38.46 ? 57  HOH A O     1 
HETATM 520 O  O     . HOH E 4 .  ? 6.618   -3.859  -9.511  1.00 56.49 ? 59  HOH A O     1 
HETATM 521 O  O     . HOH E 4 .  ? -7.788  3.051   -3.058  1.00 44.03 ? 61  HOH A O     1 
HETATM 522 O  O     . HOH E 4 .  ? 5.346   -16.191 -9.405  1.00 41.35 ? 65  HOH A O     1 
HETATM 523 O  O     . HOH E 4 .  ? -3.919  0.220   5.469   1.00 38.60 ? 78  HOH A O     1 
HETATM 524 O  O     . HOH E 4 .  ? 3.433   -6.767  -1.969  1.00 18.35 ? 101 HOH A O     1 
HETATM 525 O  O     . HOH E 4 .  ? 2.670   -10.476 -4.435  1.00 22.59 ? 102 HOH A O     1 
HETATM 526 O  O     . HOH E 4 .  ? -2.998  4.843   -6.731  1.00 25.48 ? 106 HOH A O     1 
HETATM 527 O  O     . HOH E 4 .  ? -6.166  5.263   -3.318  1.00 25.54 ? 107 HOH A O     1 
HETATM 528 O  O     . HOH E 4 .  ? 4.183   4.107   14.122  1.00 33.20 ? 108 HOH A O     1 
HETATM 529 O  O     . HOH E 4 .  ? 3.686   -9.657  -1.986  1.00 27.38 ? 112 HOH A O     1 
HETATM 530 O  O     . HOH E 4 .  ? -2.445  3.078   -8.755  1.00 28.83 ? 113 HOH A O     1 
HETATM 531 O  O     . HOH E 4 .  ? 0.046   -1.992  -9.475  1.00 27.39 ? 114 HOH A O     1 
HETATM 532 O  O     . HOH E 4 .  ? 1.490   -11.698 -1.668  1.00 30.55 ? 116 HOH A O     1 
HETATM 533 O  O     . HOH E 4 .  ? -9.539  11.652  -2.956  1.00 41.06 ? 117 HOH A O     1 
HETATM 534 O  O     . HOH E 4 .  ? 0.681   1.323   -10.038 1.00 36.69 ? 118 HOH A O     1 
HETATM 535 O  O     . HOH E 4 .  ? 6.235   2.433   12.402  1.00 50.62 ? 119 HOH A O     1 
HETATM 536 O  O     . HOH E 4 .  ? -10.015 6.900   -2.019  1.00 46.25 ? 122 HOH A O     1 
HETATM 537 O  O     . HOH E 4 .  ? -5.415  -0.519  -2.325  1.00 31.74 ? 123 HOH A O     1 
HETATM 538 O  O     . HOH E 4 .  ? -6.357  12.060  -0.197  1.00 37.01 ? 125 HOH A O     1 
HETATM 539 O  O     . HOH E 4 .  ? 7.970   -6.453  -0.724  1.00 30.55 ? 126 HOH A O     1 
HETATM 540 O  O     . HOH E 4 .  ? 7.013   9.474   13.813  1.00 29.81 ? 128 HOH A O     1 
HETATM 541 O  O     . HOH E 4 .  ? 5.699   -10.711 -0.514  1.00 42.81 ? 133 HOH A O     1 
HETATM 542 O  O     . HOH E 4 .  ? 3.838   -18.797 -6.517  1.00 39.84 ? 134 HOH A O     1 
HETATM 543 O  O     . HOH E 4 .  ? 2.121   -21.151 -5.267  1.00 43.12 ? 141 HOH A O     1 
HETATM 544 O  O     . HOH E 4 .  ? 0.569   1.660   12.794  1.00 45.61 ? 146 HOH A O     1 
HETATM 545 O  O     . HOH E 4 .  ? -6.731  2.646   -6.703  1.00 37.23 ? 147 HOH A O     1 
HETATM 546 O  O     . HOH E 4 .  ? 1.275   2.667   10.861  1.00 39.58 ? 149 HOH A O     1 
HETATM 547 O  O     . HOH E 4 .  ? -5.250  -0.067  1.457   1.00 27.41 ? 152 HOH A O     1 
HETATM 548 O  O     . HOH E 4 .  ? -6.107  1.934   -0.374  1.00 28.87 ? 153 HOH A O     1 
HETATM 549 O  O     . HOH E 4 .  ? 5.696   -9.943  -11.208 1.00 28.47 ? 155 HOH A O     1 
HETATM 550 O  O     A HOH E 4 .  ? 11.435  -9.684  -3.344  0.50 34.18 ? 158 HOH A O     1 
HETATM 551 O  O     B HOH E 4 .  ? 10.869  -11.475 -4.210  0.50 33.24 ? 158 HOH A O     1 
HETATM 552 O  O     . HOH E 4 .  ? -0.644  -22.304 -6.028  1.00 31.03 ? 159 HOH A O     1 
HETATM 553 O  O     . HOH E 4 .  ? -3.956  -1.061  -6.198  1.00 22.29 ? 160 HOH A O     1 
HETATM 554 O  O     . HOH E 4 .  ? -4.577  1.935   18.318  1.00 49.77 ? 162 HOH A O     1 
HETATM 555 O  O     . HOH E 4 .  ? 1.142   -3.934  -11.762 1.00 55.63 ? 165 HOH A O     1 
HETATM 556 O  O     . HOH E 4 .  ? -5.744  1.106   4.182   1.00 29.92 ? 174 HOH A O     1 
HETATM 557 O  O     . HOH E 4 .  ? -12.693 8.368   0.913   1.00 54.86 ? 179 HOH A O     1 
HETATM 558 O  O     . HOH E 4 .  ? -1.328  -24.020 -4.343  1.00 49.71 ? 182 HOH A O     1 
HETATM 559 O  O     A HOH E 4 .  ? 12.819  -6.522  -5.267  0.50 26.52 ? 183 HOH A O     1 
HETATM 560 O  O     B HOH E 4 .  ? 12.252  -8.643  -4.849  0.50 33.90 ? 183 HOH A O     1 
HETATM 561 O  O     . HOH E 4 .  ? 0.245   8.658   -0.811  1.00 32.88 ? 190 HOH A O     1 
HETATM 562 O  O     . HOH E 4 .  ? -12.922 5.149   7.106   1.00 38.50 ? 196 HOH A O     1 
HETATM 563 O  O     . HOH E 4 .  ? 3.934   9.086   -3.291  1.00 43.05 ? 197 HOH A O     1 
HETATM 564 O  O     . HOH E 4 .  ? 1.127   10.494  -2.461  1.00 32.55 ? 201 HOH A O     1 
HETATM 565 O  O     . HOH E 4 .  ? 2.603   3.452   -10.517 1.00 36.61 ? 208 HOH A O     1 
HETATM 566 O  O     . HOH E 4 .  ? -8.324  2.896   1.581   1.00 47.28 ? 226 HOH A O     1 
HETATM 567 O  O     . HOH E 4 .  ? 4.511   -4.725  -10.464 1.00 33.47 ? 227 HOH A O     1 
HETATM 568 O  O     . HOH E 4 .  ? -12.342 1.957   6.282   1.00 42.90 ? 239 HOH A O     1 
HETATM 569 O  O     . HOH E 4 .  ? 9.776   0.780   -4.647  1.00 37.65 ? 249 HOH A O     1 
HETATM 570 O  O     . HOH E 4 .  ? 14.081  -4.764  -6.527  1.00 49.02 ? 252 HOH A O     1 
HETATM 571 O  O     . HOH E 4 .  ? 8.149   -6.565  -8.558  1.00 45.65 ? 266 HOH A O     1 
HETATM 572 O  O     . HOH E 4 .  ? 7.480   3.565   -10.558 1.00 47.65 ? 269 HOH A O     1 
HETATM 573 O  O     . HOH E 4 .  ? -2.606  -2.024  -9.779  1.00 35.51 ? 270 HOH A O     1 
HETATM 574 O  O     . HOH E 4 .  ? 5.104   -0.747  17.121  1.00 48.57 ? 271 HOH A O     1 
HETATM 575 O  O     . HOH E 4 .  ? -12.138 0.756   12.338  1.00 46.93 ? 273 HOH A O     1 
HETATM 576 O  O     . HOH E 4 .  ? -3.133  1.382   7.860   1.00 33.06 ? 277 HOH A O     1 
HETATM 577 O  O     . HOH E 4 .  ? -10.376 1.398   5.180   1.00 44.78 ? 303 HOH A O     1 
HETATM 578 O  O     . HOH E 4 .  ? -10.091 10.198  0.178   1.00 42.73 ? 309 HOH A O     1 
HETATM 579 O  O     . HOH E 4 .  ? -5.664  -0.889  19.508  1.00 56.61 ? 311 HOH A O     1 
HETATM 580 O  O     . HOH E 4 .  ? -8.085  0.679   5.509   1.00 51.06 ? 314 HOH A O     1 
HETATM 581 O  O     . HOH E 4 .  ? 3.956   0.810   15.957  1.00 51.41 ? 316 HOH A O     1 
HETATM 582 O  O     . HOH E 4 .  ? 8.225   -12.007 -1.747  1.00 47.70 ? 318 HOH A O     1 
HETATM 583 O  O     . HOH E 4 .  ? -4.283  0.849   -8.417  1.00 44.12 ? 319 HOH A O     1 
HETATM 584 O  O     . HOH E 4 .  ? -3.043  0.619   10.021  0.50 40.38 ? 322 HOH A O     1 
HETATM 585 O  O     . HOH E 4 .  ? -10.679 5.733   -4.957  1.00 50.77 ? 323 HOH A O     1 
HETATM 586 O  O     . HOH E 4 .  ? 4.126   9.977   -6.248  0.50 44.30 ? 324 HOH A O     1 
HETATM 587 O  O     . HOH E 4 .  ? -1.219  -20.520 -2.570  1.00 54.17 ? 326 HOH A O     1 
HETATM 588 O  O     . HOH E 4 .  ? 1.472   -20.712 -2.735  1.00 48.85 ? 327 HOH A O     1 
HETATM 589 O  O     . HOH E 4 .  ? -7.073  -2.527  4.879   1.00 52.49 ? 330 HOH A O     1 
HETATM 590 O  O     . HOH F 4 .  ? 3.658   6.541   9.343   1.00 24.03 ? 30  HOH B O     1 
HETATM 591 O  O     . HOH F 4 .  ? -3.197  -11.477 4.473   1.00 41.70 ? 48  HOH B O     1 
HETATM 592 O  O     . HOH F 4 .  ? -6.640  -10.691 4.387   1.00 41.24 ? 49  HOH B O     1 
HETATM 593 O  O     A HOH F 4 .  ? 0.674   0.364   7.112   0.50 20.33 ? 66  HOH B O     1 
HETATM 594 O  O     B HOH F 4 .  ? -0.444  1.880   7.667   0.50 27.99 ? 66  HOH B O     1 
HETATM 595 O  O     . HOH F 4 .  ? 3.837   13.185  9.043   1.00 30.08 ? 69  HOH B O     1 
HETATM 596 O  O     . HOH F 4 .  ? 1.424   15.750  11.554  1.00 36.20 ? 70  HOH B O     1 
HETATM 597 O  O     . HOH F 4 .  ? -11.109 -8.697  -14.701 1.00 31.88 ? 72  HOH B O     1 
HETATM 598 O  O     . HOH F 4 .  ? 2.872   16.440  0.468   1.00 39.60 ? 74  HOH B O     1 
HETATM 599 O  O     . HOH F 4 .  ? 4.592   -10.234 -15.152 1.00 37.68 ? 75  HOH B O     1 
HETATM 600 O  O     . HOH F 4 .  ? -2.263  -1.754  4.436   1.00 34.79 ? 79  HOH B O     1 
HETATM 601 O  O     . HOH F 4 .  ? 5.574   -5.169  -1.183  1.00 21.10 ? 103 HOH B O     1 
HETATM 602 O  O     . HOH F 4 .  ? 4.594   -2.666  -1.825  1.00 18.99 ? 104 HOH B O     1 
HETATM 603 O  O     . HOH F 4 .  ? 5.303   9.010   7.565   1.00 34.55 ? 105 HOH B O     1 
HETATM 604 O  O     . HOH F 4 .  ? 3.660   4.086   8.043   1.00 24.23 ? 109 HOH B O     1 
HETATM 605 O  O     . HOH F 4 .  ? 3.980   1.982   -1.670  1.00 19.62 ? 110 HOH B O     1 
HETATM 606 O  O     . HOH F 4 .  ? -11.347 -10.613 -12.929 1.00 32.06 ? 111 HOH B O     1 
HETATM 607 O  O     . HOH F 4 .  ? 1.691   6.331   -0.570  1.00 19.62 ? 115 HOH B O     1 
HETATM 608 O  O     . HOH F 4 .  ? -2.733  11.590  4.740   1.00 25.61 ? 127 HOH B O     1 
HETATM 609 O  O     . HOH F 4 .  ? 6.679   6.963   6.519   1.00 35.23 ? 129 HOH B O     1 
HETATM 610 O  O     . HOH F 4 .  ? 0.828   -6.242  4.616   1.00 29.55 ? 130 HOH B O     1 
HETATM 611 O  O     . HOH F 4 .  ? 5.725   -0.094  -2.534  1.00 23.67 ? 131 HOH B O     1 
HETATM 612 O  O     . HOH F 4 .  ? -2.538  11.019  1.573   1.00 35.91 ? 136 HOH B O     1 
HETATM 613 O  O     . HOH F 4 .  ? 4.347   -3.422  5.795   1.00 28.96 ? 137 HOH B O     1 
HETATM 614 O  O     . HOH F 4 .  ? 3.697   1.912   9.395   1.00 41.85 ? 139 HOH B O     1 
HETATM 615 O  O     . HOH F 4 .  ? -2.531  -4.548  2.846   1.00 28.92 ? 143 HOH B O     1 
HETATM 616 O  O     . HOH F 4 .  ? -4.374  -2.706  1.232   1.00 28.11 ? 144 HOH B O     1 
HETATM 617 O  O     . HOH F 4 .  ? 4.114   4.984   -1.688  1.00 31.26 ? 145 HOH B O     1 
HETATM 618 O  O     . HOH F 4 .  ? -3.023  21.251  10.088  1.00 30.24 ? 148 HOH B O     1 
HETATM 619 O  O     . HOH F 4 .  ? -5.200  -4.720  -0.430  1.00 27.78 ? 151 HOH B O     1 
HETATM 620 O  O     . HOH F 4 .  ? -1.455  8.509   1.281   1.00 25.17 ? 154 HOH B O     1 
HETATM 621 O  O     . HOH F 4 .  ? -3.930  -3.488  -7.262  1.00 29.64 ? 161 HOH B O     1 
HETATM 622 O  O     . HOH F 4 .  ? 5.762   0.371   8.346   1.00 41.30 ? 163 HOH B O     1 
HETATM 623 O  O     . HOH F 4 .  ? -0.340  -6.343  -13.308 1.00 35.78 ? 164 HOH B O     1 
HETATM 624 O  O     . HOH F 4 .  ? 12.621  0.538   -0.803  1.00 54.99 ? 168 HOH B O     1 
HETATM 625 O  O     . HOH F 4 .  ? 9.389   -2.973  -1.618  1.00 39.20 ? 169 HOH B O     1 
HETATM 626 O  O     . HOH F 4 .  ? -4.243  -6.746  3.494   1.00 39.86 ? 170 HOH B O     1 
HETATM 627 O  O     . HOH F 4 .  ? -5.422  -3.255  -2.708  1.00 34.60 ? 172 HOH B O     1 
HETATM 628 O  O     . HOH F 4 .  ? -1.259  17.364  10.385  1.00 26.79 ? 175 HOH B O     1 
HETATM 629 O  O     . HOH F 4 .  ? 4.957   -7.304  6.499   1.00 44.83 ? 178 HOH B O     1 
HETATM 630 O  O     . HOH F 4 .  ? 2.600   -5.488  6.461   1.00 38.27 ? 181 HOH B O     1 
HETATM 631 O  O     . HOH F 4 .  ? 4.572   -1.525  7.622   1.00 37.73 ? 184 HOH B O     1 
HETATM 632 O  O     . HOH F 4 .  ? 8.310   0.146   -2.565  1.00 32.09 ? 188 HOH B O     1 
HETATM 633 O  O     . HOH F 4 .  ? 8.169   11.969  0.505   1.00 56.92 ? 191 HOH B O     1 
HETATM 634 O  O     . HOH F 4 .  ? -7.509  -11.176 -19.438 1.00 42.92 ? 192 HOH B O     1 
HETATM 635 O  O     . HOH F 4 .  ? -7.899  -5.757  -9.434  1.00 39.31 ? 195 HOH B O     1 
HETATM 636 O  O     . HOH F 4 .  ? -3.080  14.811  2.002   1.00 45.06 ? 199 HOH B O     1 
HETATM 637 O  O     . HOH F 4 .  ? 6.649   11.590  -2.384  1.00 51.39 ? 204 HOH B O     1 
HETATM 638 O  O     . HOH F 4 .  ? -10.060 -3.144  -8.991  1.00 54.26 ? 210 HOH B O     1 
HETATM 639 O  O     . HOH F 4 .  ? 4.049   16.733  6.004   1.00 54.71 ? 211 HOH B O     1 
HETATM 640 O  O     . HOH F 4 .  ? -5.870  -4.346  -5.687  1.00 41.07 ? 213 HOH B O     1 
HETATM 641 O  O     . HOH F 4 .  ? -2.056  -9.293  5.694   1.00 47.17 ? 228 HOH B O     1 
HETATM 642 O  O     . HOH F 4 .  ? -1.401  19.732  3.915   1.00 39.28 ? 237 HOH B O     1 
HETATM 643 O  O     . HOH F 4 .  ? -0.681  21.028  11.802  1.00 46.03 ? 241 HOH B O     1 
HETATM 644 O  O     . HOH F 4 .  ? -12.143 -10.249 -7.959  1.00 43.08 ? 242 HOH B O     1 
HETATM 645 O  O     . HOH F 4 .  ? -11.047 -8.842  -0.956  1.00 48.88 ? 244 HOH B O     1 
HETATM 646 O  O     . HOH F 4 .  ? 1.519   -8.196  -18.146 1.00 47.03 ? 245 HOH B O     1 
HETATM 647 O  O     . HOH F 4 .  ? -2.169  -8.973  7.992   1.00 50.65 ? 251 HOH B O     1 
HETATM 648 O  O     . HOH F 4 .  ? 0.037   -5.975  -16.489 1.00 46.64 ? 253 HOH B O     1 
HETATM 649 O  O     . HOH F 4 .  ? 10.596  4.263   -0.772  1.00 53.24 ? 254 HOH B O     1 
HETATM 650 O  O     . HOH F 4 .  ? -10.352 -8.851  -17.156 1.00 47.25 ? 278 HOH B O     1 
HETATM 651 O  O     . HOH F 4 .  ? -3.888  20.156  4.724   1.00 50.67 ? 281 HOH B O     1 
HETATM 652 O  O     . HOH F 4 .  ? -1.571  -6.012  4.787   1.00 45.11 ? 283 HOH B O     1 
HETATM 653 O  O     . HOH F 4 .  ? -12.277 -7.806  -4.379  1.00 54.37 ? 285 HOH B O     1 
HETATM 654 O  O     . HOH F 4 .  ? 1.134   17.130  8.801   1.00 33.73 ? 301 HOH B O     1 
HETATM 655 O  O     . HOH F 4 .  ? 10.998  -2.414  1.844   1.00 53.06 ? 302 HOH B O     1 
HETATM 656 O  O     . HOH F 4 .  ? -0.089  15.389  -1.933  1.00 54.73 ? 304 HOH B O     1 
HETATM 657 O  O     . HOH F 4 .  ? 7.715   -4.092  6.790   1.00 50.91 ? 305 HOH B O     1 
HETATM 658 O  O     . HOH F 4 .  ? 8.115   7.419   -2.018  1.00 45.99 ? 306 HOH B O     1 
HETATM 659 O  O     . HOH F 4 .  ? -12.530 -6.970  -6.847  1.00 52.25 ? 307 HOH B O     1 
HETATM 660 O  O     A HOH F 4 .  ? 0.399   17.238  -0.019  0.50 32.94 ? 308 HOH B O     1 
HETATM 661 O  O     B HOH F 4 .  ? -0.733  16.600  1.816   0.50 37.51 ? 308 HOH B O     1 
HETATM 662 O  O     . HOH F 4 .  ? -3.109  -4.216  -11.733 1.00 39.01 ? 310 HOH B O     1 
HETATM 663 O  O     . HOH F 4 .  ? 7.696   -1.012  7.324   1.00 45.55 ? 312 HOH B O     1 
HETATM 664 O  O     . HOH F 4 .  ? 11.304  -2.793  -3.650  1.00 53.16 ? 313 HOH B O     1 
HETATM 665 O  O     . HOH F 4 .  ? -8.635  -5.656  -6.152  1.00 41.66 ? 315 HOH B O     1 
HETATM 666 O  O     . HOH F 4 .  ? 9.702   -6.100  1.379   1.00 48.17 ? 317 HOH B O     1 
HETATM 667 O  O     A HOH F 4 .  ? 6.937   15.326  0.705   0.50 33.07 ? 320 HOH B O     1 
HETATM 668 O  O     B HOH F 4 .  ? 6.146   14.987  2.885   0.50 34.25 ? 320 HOH B O     1 
HETATM 669 O  O     . HOH F 4 .  ? -9.069  -8.033  0.084   1.00 50.18 ? 321 HOH B O     1 
HETATM 670 O  O     . HOH F 4 .  ? 10.642  -3.768  -8.048  1.00 48.58 ? 325 HOH B O     1 
HETATM 671 O  O     . HOH F 4 .  ? 1.535   -1.541  8.289   1.00 46.24 ? 328 HOH B O     1 
HETATM 672 O  O     . HOH F 4 .  ? 5.646   6.579   -2.872  1.00 44.96 ? 329 HOH B O     1 
# 
